data_8XK4
#
_entry.id   8XK4
#
loop_
_entity.id
_entity.type
_entity.pdbx_description
1 polymer KmAgo
2 polymer 'guide DNA'
3 polymer 'target DNA'
4 non-polymer 'MANGANESE (II) ION'
5 non-polymer "2'-DEOXYCYTIDINE-5'-MONOPHOSPHATE"
6 water water
#
loop_
_entity_poly.entity_id
_entity_poly.type
_entity_poly.pdbx_seq_one_letter_code
_entity_poly.pdbx_strand_id
1 'polypeptide(L)'
;MEAYITEMVSRERANELEVYVYVFPRKQSDNNYEGVYHIMRAWQRANDLPLAYNQHTIMAFSPVRHMCGYTPMETQKRHI
NIDSPFERALLERLIKNSLIFTAERHLHAKRVGHALRLNQVQQIRQVIIYEAIELYVNIIENRISIGFHLTHQFEYVYTL
QSMIEQGKTIRPGMRVVHSNGRQHYTYTVENVATYGVTDRCPLLQTSIYQYYVEKGAQHILRTFTRSTRVIHVRTKEQRL
SYAATLLKPLCTFETMQPQDVLNVSKCIKLSASKRMKCTYRWIQQLRAQYRHLTFAPNPFTIAQNGYKLDQLSTPKVHFH
RDYATVVSGMKTGKLYKGGNIKISVLFDEDFYLKHHITKKDIYQFIAVLQKIAIAQGVNMTISTSTKSITGKFTDDFFHH
FTEEVEALQPIFAQTTVLAFITSTHLSNKKTRSYQLLKQYFGGKWDIASQVITEKTIEAFQKILHKHGLKNFYPNDEQHC
LRVIDVLKNESFYYTVMNILLGVYVKSGIQPWILANTTHSDCFIGIDVSHENGNSAAGMMNVIGSQGHLIQQAPLNGILA
GEKIDDTLLANLLKQMIKAYHTQFQRFPKHITIHRDGFWREHTALVEKIMSHYEITYDIVEIIKKPNRRMAFFNSVDNTF
STRQGTVYQRGNEAFLCATNPQQKVGMAQPIKIHQVTKTLPFSHIIEDVYNLSFLHIHAMNKMRLPATIHYADLSATAYQ
RGQVMPRSGNQTNLPFV
;
A
2 'polydeoxyribonucleotide' (DT)(DG)(DA)(DG)(DG)(DT)(DA)(DG)(DT)(DA)(DG)(DG)(DT)(DT)(DG)(DT)(DA)(DT) B
3 'polydeoxyribonucleotide' (DT)(DA)(DC)(DT)(DA)(DC)(DC)(DT)(DC)(DA) C
#
loop_
_chem_comp.id
_chem_comp.type
_chem_comp.name
_chem_comp.formula
DA DNA linking 2'-DEOXYADENOSINE-5'-MONOPHOSPHATE 'C10 H14 N5 O6 P'
DC DNA linking 2'-DEOXYCYTIDINE-5'-MONOPHOSPHATE 'C9 H14 N3 O7 P'
DG DNA linking 2'-DEOXYGUANOSINE-5'-MONOPHOSPHATE 'C10 H14 N5 O7 P'
DT DNA linking THYMIDINE-5'-MONOPHOSPHATE 'C10 H15 N2 O8 P'
MN non-polymer 'MANGANESE (II) ION' 'Mn 2'
#
# COMPACT_ATOMS: atom_id res chain seq x y z
N MET A 1 -24.30 20.02 -0.91
CA MET A 1 -23.51 18.88 -1.33
C MET A 1 -22.55 19.26 -2.46
N GLU A 2 -21.30 19.53 -2.10
CA GLU A 2 -20.30 19.96 -3.05
C GLU A 2 -19.05 19.10 -2.92
N ALA A 3 -18.41 18.82 -4.05
CA ALA A 3 -17.20 18.00 -4.06
C ALA A 3 -16.00 18.84 -3.68
N TYR A 4 -15.29 18.42 -2.64
CA TYR A 4 -14.18 19.17 -2.07
C TYR A 4 -12.87 18.40 -2.21
N ILE A 5 -11.81 19.15 -2.54
CA ILE A 5 -10.46 18.63 -2.68
C ILE A 5 -9.55 19.49 -1.82
N THR A 6 -8.47 18.90 -1.30
CA THR A 6 -7.52 19.62 -0.47
C THR A 6 -6.46 20.30 -1.34
N GLU A 7 -6.94 21.17 -2.23
CA GLU A 7 -6.09 21.94 -3.12
C GLU A 7 -6.74 23.29 -3.39
N MET A 8 -5.92 24.24 -3.85
CA MET A 8 -6.42 25.52 -4.32
C MET A 8 -5.58 26.00 -5.49
N VAL A 9 -6.16 26.91 -6.28
CA VAL A 9 -5.47 27.52 -7.42
C VAL A 9 -5.56 29.03 -7.26
N SER A 10 -4.43 29.70 -7.44
CA SER A 10 -4.34 31.14 -7.23
C SER A 10 -4.90 31.92 -8.42
N ARG A 11 -5.43 33.11 -8.12
CA ARG A 11 -5.90 33.98 -9.18
C ARG A 11 -4.75 34.47 -10.07
N GLU A 12 -3.59 34.73 -9.48
CA GLU A 12 -2.44 35.16 -10.26
C GLU A 12 -1.91 34.00 -11.10
N ARG A 13 -1.18 34.35 -12.15
CA ARG A 13 -0.56 33.40 -13.05
C ARG A 13 0.94 33.36 -12.80
N ALA A 14 1.59 32.35 -13.38
CA ALA A 14 3.05 32.26 -13.26
C ALA A 14 3.74 33.44 -13.91
N ASN A 15 3.08 34.08 -14.88
CA ASN A 15 3.63 35.24 -15.56
C ASN A 15 3.12 36.56 -15.00
N GLU A 16 2.12 36.52 -14.12
CA GLU A 16 1.62 37.72 -13.46
C GLU A 16 2.40 38.07 -12.21
N LEU A 17 3.43 37.29 -11.87
CA LEU A 17 4.22 37.49 -10.66
C LEU A 17 5.62 37.96 -11.04
N GLU A 18 6.04 39.08 -10.48
CA GLU A 18 7.37 39.62 -10.73
C GLU A 18 8.30 39.22 -9.60
N VAL A 19 9.51 38.80 -9.95
CA VAL A 19 10.48 38.28 -8.99
C VAL A 19 11.86 38.89 -9.28
N TYR A 20 12.71 38.85 -8.27
CA TYR A 20 14.09 39.28 -8.39
C TYR A 20 14.99 38.06 -8.51
N VAL A 21 15.87 38.08 -9.49
CA VAL A 21 16.71 36.94 -9.86
C VAL A 21 18.16 37.37 -9.82
N TYR A 22 19.00 36.56 -9.15
CA TYR A 22 20.44 36.77 -9.06
C TYR A 22 21.15 35.52 -9.53
N VAL A 23 22.20 35.70 -10.32
CA VAL A 23 22.98 34.59 -10.89
C VAL A 23 24.43 34.76 -10.49
N PHE A 24 25.04 33.68 -9.98
CA PHE A 24 26.42 33.66 -9.53
C PHE A 24 27.23 32.65 -10.35
N PRO A 25 28.55 32.86 -10.46
CA PRO A 25 29.47 31.91 -11.13
C PRO A 25 29.34 30.48 -10.61
N GLY A 35 25.21 23.62 -3.62
CA GLY A 35 26.16 24.45 -4.34
C GLY A 35 26.22 25.87 -3.81
N VAL A 36 25.12 26.60 -3.94
CA VAL A 36 25.05 27.98 -3.48
C VAL A 36 24.16 28.05 -2.26
N TYR A 37 24.08 26.95 -1.51
CA TYR A 37 23.20 26.89 -0.34
C TYR A 37 23.61 27.91 0.72
N HIS A 38 24.92 28.04 0.96
CA HIS A 38 25.38 28.92 2.03
C HIS A 38 25.11 30.39 1.73
N ILE A 39 25.15 30.79 0.46
CA ILE A 39 24.81 32.17 0.12
C ILE A 39 23.36 32.46 0.47
N MET A 40 22.44 31.56 0.09
CA MET A 40 21.04 31.77 0.42
C MET A 40 20.83 31.75 1.93
N ARG A 41 21.54 30.86 2.63
CA ARG A 41 21.41 30.80 4.08
C ARG A 41 21.83 32.11 4.74
N ALA A 42 22.99 32.66 4.31
CA ALA A 42 23.47 33.90 4.89
C ALA A 42 22.55 35.07 4.57
N TRP A 43 22.08 35.16 3.32
CA TRP A 43 21.13 36.22 2.97
C TRP A 43 19.83 36.11 3.76
N GLN A 44 19.31 34.90 3.93
CA GLN A 44 18.07 34.73 4.68
C GLN A 44 18.26 35.08 6.14
N ARG A 45 19.40 34.71 6.72
CA ARG A 45 19.67 35.07 8.11
C ARG A 45 19.81 36.57 8.29
N ALA A 46 20.54 37.23 7.39
CA ALA A 46 20.80 38.66 7.56
C ALA A 46 19.58 39.52 7.25
N ASN A 47 18.86 39.21 6.18
CA ASN A 47 17.80 40.08 5.69
C ASN A 47 16.43 39.74 6.27
N ASP A 48 16.24 38.54 6.81
CA ASP A 48 14.94 38.07 7.28
C ASP A 48 13.90 38.17 6.17
N LEU A 49 14.13 37.41 5.10
CA LEU A 49 13.29 37.49 3.90
C LEU A 49 13.24 36.10 3.29
N PRO A 50 12.10 35.70 2.71
CA PRO A 50 12.01 34.38 2.09
C PRO A 50 12.72 34.34 0.74
N LEU A 51 13.72 33.48 0.63
CA LEU A 51 14.48 33.32 -0.60
C LEU A 51 14.33 31.89 -1.10
N ALA A 52 14.78 31.66 -2.34
CA ALA A 52 14.84 30.31 -2.87
C ALA A 52 16.05 30.21 -3.79
N TYR A 53 16.60 29.01 -3.92
CA TYR A 53 17.77 28.80 -4.76
C TYR A 53 17.62 27.52 -5.57
N ASN A 54 18.20 27.53 -6.77
CA ASN A 54 18.27 26.35 -7.62
C ASN A 54 19.56 26.41 -8.41
N GLN A 55 20.34 25.32 -8.36
CA GLN A 55 21.65 25.25 -9.01
C GLN A 55 22.52 26.46 -8.64
N HIS A 56 22.59 27.45 -9.54
CA HIS A 56 23.41 28.63 -9.33
C HIS A 56 22.59 29.91 -9.51
N THR A 57 21.33 29.90 -9.09
CA THR A 57 20.46 31.06 -9.25
C THR A 57 19.54 31.18 -8.05
N ILE A 58 19.47 32.38 -7.48
CA ILE A 58 18.61 32.66 -6.35
C ILE A 58 17.48 33.59 -6.78
N MET A 59 16.27 33.30 -6.33
CA MET A 59 15.08 34.07 -6.67
C MET A 59 14.37 34.48 -5.38
N ALA A 60 13.77 35.67 -5.42
CA ALA A 60 13.08 36.22 -4.26
C ALA A 60 11.93 37.11 -4.74
N PHE A 61 11.05 37.47 -3.80
CA PHE A 61 9.98 38.40 -4.10
C PHE A 61 10.32 39.86 -3.82
N SER A 62 11.29 40.12 -2.94
CA SER A 62 11.65 41.47 -2.55
C SER A 62 13.15 41.64 -2.65
N PRO A 63 13.62 42.86 -2.93
CA PRO A 63 15.08 43.08 -3.05
C PRO A 63 15.80 42.86 -1.74
N VAL A 64 17.04 42.42 -1.84
CA VAL A 64 17.89 42.18 -0.68
C VAL A 64 18.57 43.50 -0.30
N ARG A 65 18.50 43.86 0.98
CA ARG A 65 19.10 45.11 1.44
C ARG A 65 20.56 44.90 1.82
N HIS A 66 20.84 44.00 2.76
CA HIS A 66 22.20 43.68 3.15
C HIS A 66 22.74 42.63 2.20
N MET A 67 23.84 42.95 1.53
CA MET A 67 24.29 42.21 0.36
C MET A 67 25.18 41.02 0.74
N CYS A 68 25.75 41.03 1.94
CA CYS A 68 26.56 39.93 2.47
C CYS A 68 27.83 39.69 1.67
N GLY A 69 28.29 40.71 0.93
CA GLY A 69 29.60 40.66 0.31
C GLY A 69 29.73 39.72 -0.87
N TYR A 70 28.63 39.21 -1.42
CA TYR A 70 28.66 38.33 -2.57
C TYR A 70 28.22 39.10 -3.80
N THR A 71 28.96 38.96 -4.90
CA THR A 71 28.69 39.73 -6.11
C THR A 71 28.10 38.85 -7.21
N PRO A 72 26.87 39.12 -7.65
CA PRO A 72 26.33 38.40 -8.82
C PRO A 72 26.72 39.09 -10.12
N MET A 73 26.63 38.34 -11.21
CA MET A 73 26.84 38.94 -12.52
C MET A 73 25.77 39.99 -12.81
N GLU A 74 24.52 39.70 -12.50
CA GLU A 74 23.41 40.57 -12.86
C GLU A 74 22.26 40.40 -11.87
N THR A 75 21.41 41.41 -11.81
CA THR A 75 20.20 41.40 -11.02
C THR A 75 19.02 41.69 -11.92
N GLN A 76 17.95 40.91 -11.79
CA GLN A 76 16.78 41.10 -12.64
C GLN A 76 15.53 41.29 -11.79
N LYS A 77 14.72 42.26 -12.18
CA LYS A 77 13.35 42.40 -11.68
C LYS A 77 12.46 42.05 -12.87
N ARG A 78 12.00 40.80 -12.92
CA ARG A 78 11.57 40.19 -14.17
C ARG A 78 10.38 39.28 -13.94
N HIS A 79 9.85 38.75 -15.04
CA HIS A 79 8.89 37.68 -15.04
C HIS A 79 9.57 36.41 -15.50
N ILE A 80 9.06 35.26 -15.07
CA ILE A 80 9.71 33.99 -15.41
C ILE A 80 9.45 33.65 -16.87
N ASN A 81 10.25 32.72 -17.38
CA ASN A 81 10.07 32.16 -18.71
C ASN A 81 9.34 30.82 -18.55
N ILE A 82 8.06 30.80 -18.92
CA ILE A 82 7.22 29.63 -18.66
C ILE A 82 7.56 28.46 -19.56
N ASP A 83 8.31 28.67 -20.63
CA ASP A 83 8.64 27.61 -21.58
C ASP A 83 9.87 26.81 -21.18
N SER A 84 10.45 27.10 -20.01
CA SER A 84 11.59 26.36 -19.52
C SER A 84 11.24 25.71 -18.19
N PRO A 85 11.70 24.48 -17.95
CA PRO A 85 11.39 23.82 -16.67
C PRO A 85 12.24 24.31 -15.52
N PHE A 86 13.42 24.90 -15.80
CA PHE A 86 14.29 25.36 -14.74
C PHE A 86 13.66 26.47 -13.93
N GLU A 87 13.01 27.43 -14.59
CA GLU A 87 12.38 28.53 -13.88
C GLU A 87 10.99 28.21 -13.37
N ARG A 88 10.42 27.06 -13.77
CA ARG A 88 9.20 26.60 -13.14
C ARG A 88 9.50 25.77 -11.90
N ALA A 89 10.65 25.08 -11.89
CA ALA A 89 11.05 24.35 -10.70
C ALA A 89 11.55 25.30 -9.61
N LEU A 90 12.29 26.35 -10.00
CA LEU A 90 12.80 27.30 -9.02
C LEU A 90 11.67 28.12 -8.40
N LEU A 91 10.66 28.49 -9.18
CA LEU A 91 9.56 29.26 -8.63
C LEU A 91 8.69 28.42 -7.70
N GLU A 92 8.46 27.14 -8.01
CA GLU A 92 7.63 26.30 -7.16
C GLU A 92 8.20 26.16 -5.76
N ARG A 93 9.51 26.28 -5.58
CA ARG A 93 10.11 26.25 -4.26
C ARG A 93 9.99 27.58 -3.55
N LEU A 94 9.88 28.69 -4.29
CA LEU A 94 9.82 30.00 -3.65
C LEU A 94 8.48 30.22 -2.94
N ILE A 95 7.37 29.83 -3.57
CA ILE A 95 6.07 29.94 -2.90
C ILE A 95 6.05 29.04 -1.67
N LYS A 96 6.64 27.85 -1.76
CA LYS A 96 6.69 26.95 -0.62
C LYS A 96 7.49 27.56 0.53
N ASN A 97 8.65 28.12 0.22
CA ASN A 97 9.49 28.72 1.25
C ASN A 97 8.84 29.96 1.85
N SER A 98 8.18 30.77 1.02
CA SER A 98 7.46 31.94 1.55
C SER A 98 6.26 31.55 2.40
N LEU A 99 5.55 30.49 2.05
CA LEU A 99 4.47 29.98 2.89
C LEU A 99 4.99 29.42 4.21
N ILE A 100 6.13 28.73 4.19
CA ILE A 100 6.75 28.27 5.44
C ILE A 100 7.16 29.46 6.30
N PHE A 101 7.74 30.48 5.67
CA PHE A 101 8.12 31.70 6.40
C PHE A 101 6.89 32.37 7.02
N THR A 102 5.81 32.47 6.27
CA THR A 102 4.56 33.04 6.77
C THR A 102 3.89 32.14 7.80
N ALA A 103 4.25 30.86 7.85
CA ALA A 103 3.74 29.96 8.88
C ALA A 103 4.53 30.05 10.18
N GLU A 104 5.85 30.23 10.09
CA GLU A 104 6.67 30.31 11.29
C GLU A 104 6.37 31.57 12.10
N ARG A 105 6.11 32.68 11.42
CA ARG A 105 5.68 33.92 12.05
C ARG A 105 4.20 34.14 11.79
N HIS A 106 3.55 34.85 12.71
CA HIS A 106 2.12 35.12 12.67
C HIS A 106 1.33 33.85 12.98
N LEU A 107 2.04 32.72 13.05
CA LEU A 107 1.49 31.45 13.49
C LEU A 107 2.60 30.70 14.22
N HIS A 108 2.23 29.97 15.25
CA HIS A 108 3.22 29.26 16.07
C HIS A 108 3.42 27.87 15.49
N ALA A 109 4.18 27.81 14.40
CA ALA A 109 4.49 26.56 13.72
C ALA A 109 5.99 26.37 13.68
N LYS A 110 6.41 25.11 13.66
CA LYS A 110 7.82 24.77 13.69
C LYS A 110 8.13 23.74 12.62
N ARG A 111 9.10 24.04 11.76
CA ARG A 111 9.46 23.13 10.67
C ARG A 111 10.26 21.98 11.24
N VAL A 112 9.62 20.83 11.39
CA VAL A 112 10.25 19.63 11.95
C VAL A 112 10.14 18.50 10.94
N GLY A 113 11.25 17.80 10.72
CA GLY A 113 11.24 16.71 9.76
C GLY A 113 10.87 17.20 8.38
N HIS A 114 9.83 16.62 7.81
CA HIS A 114 9.30 17.03 6.51
C HIS A 114 7.99 17.79 6.63
N ALA A 115 7.59 18.20 7.83
CA ALA A 115 6.30 18.82 8.04
C ALA A 115 6.43 20.03 8.95
N LEU A 116 5.29 20.67 9.22
CA LEU A 116 5.21 21.83 10.11
C LEU A 116 4.39 21.42 11.33
N ARG A 117 5.07 21.21 12.45
CA ARG A 117 4.38 20.96 13.71
C ARG A 117 3.58 22.18 14.12
N LEU A 118 2.31 21.98 14.43
CA LEU A 118 1.39 23.07 14.74
C LEU A 118 1.30 23.33 16.24
N ASN A 119 0.80 22.35 17.01
CA ASN A 119 0.60 22.51 18.44
C ASN A 119 0.21 21.16 19.03
N GLN A 120 0.20 21.10 20.36
CA GLN A 120 -0.18 19.88 21.07
C GLN A 120 -1.70 19.77 21.14
N VAL A 121 -2.22 18.60 20.79
CA VAL A 121 -3.65 18.35 20.83
C VAL A 121 -4.06 17.46 21.99
N GLN A 122 -3.22 16.52 22.40
CA GLN A 122 -3.59 15.61 23.47
C GLN A 122 -2.35 14.93 24.03
N GLN A 123 -2.28 14.86 25.36
CA GLN A 123 -1.22 14.13 26.06
C GLN A 123 -1.85 12.92 26.74
N ILE A 124 -1.31 11.74 26.45
CA ILE A 124 -1.84 10.48 26.96
C ILE A 124 -0.72 9.80 27.73
N ARG A 125 -0.64 10.07 29.04
CA ARG A 125 0.25 9.37 29.97
C ARG A 125 1.69 9.32 29.45
N GLN A 126 2.28 10.50 29.37
CA GLN A 126 3.67 10.75 28.97
C GLN A 126 3.83 10.66 27.46
N VAL A 127 2.74 10.61 26.70
CA VAL A 127 2.77 10.61 25.24
C VAL A 127 2.05 11.86 24.75
N ILE A 128 2.72 12.65 23.93
CA ILE A 128 2.19 13.91 23.42
C ILE A 128 1.95 13.76 21.91
N ILE A 129 0.76 14.15 21.46
CA ILE A 129 0.39 14.10 20.05
C ILE A 129 0.34 15.52 19.52
N TYR A 130 0.98 15.74 18.37
CA TYR A 130 1.02 17.04 17.72
C TYR A 130 0.34 16.94 16.36
N GLU A 131 -0.34 18.01 15.96
CA GLU A 131 -0.82 18.11 14.60
C GLU A 131 0.29 18.63 13.69
N ALA A 132 0.27 18.20 12.43
CA ALA A 132 1.28 18.62 11.47
C ALA A 132 0.64 18.74 10.10
N ILE A 133 1.25 19.56 9.25
CA ILE A 133 0.72 19.80 7.91
C ILE A 133 1.87 19.76 6.92
N GLU A 134 1.56 19.32 5.70
CA GLU A 134 2.50 19.25 4.60
C GLU A 134 1.92 19.99 3.41
N LEU A 135 2.75 20.80 2.75
CA LEU A 135 2.32 21.66 1.65
C LEU A 135 3.10 21.32 0.39
N TYR A 136 2.43 21.38 -0.75
CA TYR A 136 3.02 21.11 -2.05
C TYR A 136 2.59 22.17 -3.03
N VAL A 137 3.51 22.62 -3.87
CA VAL A 137 3.28 23.66 -4.87
C VAL A 137 3.61 23.10 -6.24
N ASN A 138 2.70 23.31 -7.21
CA ASN A 138 2.91 22.86 -8.58
C ASN A 138 2.51 23.97 -9.53
N ILE A 139 3.16 24.00 -10.70
CA ILE A 139 2.82 24.91 -11.78
C ILE A 139 2.29 24.06 -12.93
N ILE A 140 0.99 24.22 -13.21
CA ILE A 140 0.34 23.45 -14.27
C ILE A 140 -0.47 24.41 -15.13
N GLU A 141 -0.18 24.41 -16.44
CA GLU A 141 -0.94 25.20 -17.41
C GLU A 141 -1.01 26.67 -17.02
N ASN A 142 0.13 27.23 -16.63
CA ASN A 142 0.24 28.63 -16.22
C ASN A 142 -0.65 28.95 -15.02
N ARG A 143 -0.89 27.95 -14.18
CA ARG A 143 -1.67 28.11 -12.96
C ARG A 143 -0.85 27.57 -11.79
N ILE A 144 -0.99 28.22 -10.65
CA ILE A 144 -0.28 27.85 -9.43
C ILE A 144 -1.23 27.06 -8.54
N SER A 145 -0.93 25.79 -8.32
CA SER A 145 -1.76 24.90 -7.53
C SER A 145 -1.04 24.57 -6.23
N ILE A 146 -1.76 24.64 -5.12
CA ILE A 146 -1.21 24.36 -3.80
C ILE A 146 -2.07 23.29 -3.15
N GLY A 147 -1.44 22.17 -2.80
CA GLY A 147 -2.11 21.08 -2.11
C GLY A 147 -1.56 20.93 -0.70
N PHE A 148 -2.39 20.37 0.19
CA PHE A 148 -2.03 20.27 1.59
C PHE A 148 -2.57 18.98 2.19
N HIS A 149 -1.83 18.45 3.16
CA HIS A 149 -2.15 17.20 3.83
C HIS A 149 -1.94 17.35 5.32
N LEU A 150 -2.77 16.68 6.11
CA LEU A 150 -2.73 16.78 7.56
C LEU A 150 -2.34 15.44 8.18
N THR A 151 -1.37 15.46 9.08
CA THR A 151 -0.88 14.26 9.75
C THR A 151 -0.67 14.56 11.23
N HIS A 152 -0.13 13.60 11.95
CA HIS A 152 0.14 13.71 13.38
C HIS A 152 1.60 13.39 13.65
N GLN A 153 2.02 13.64 14.89
CA GLN A 153 3.39 13.39 15.32
C GLN A 153 3.38 12.97 16.78
N PHE A 154 4.27 12.05 17.13
CA PHE A 154 4.36 11.49 18.47
C PHE A 154 5.59 12.01 19.18
N GLU A 155 5.50 12.22 20.49
CA GLU A 155 6.67 12.60 21.26
C GLU A 155 6.50 12.12 22.70
N TYR A 156 7.63 11.90 23.39
CA TYR A 156 7.62 11.65 24.82
C TYR A 156 7.93 12.92 25.60
N VAL A 157 7.26 13.06 26.75
CA VAL A 157 7.39 14.28 27.56
C VAL A 157 8.76 14.44 28.19
N TYR A 158 9.39 13.37 28.65
CA TYR A 158 10.60 13.43 29.43
C TYR A 158 11.81 13.15 28.53
N THR A 159 12.99 13.11 29.12
CA THR A 159 14.24 12.87 28.38
C THR A 159 15.08 11.91 29.20
N LEU A 160 16.35 11.77 28.80
CA LEU A 160 17.26 10.89 29.51
C LEU A 160 17.48 11.30 30.96
N GLN A 161 17.19 12.54 31.32
CA GLN A 161 17.30 13.00 32.70
C GLN A 161 16.35 12.22 33.60
N SER A 162 15.12 12.03 33.16
CA SER A 162 14.11 11.32 33.94
C SER A 162 14.48 9.85 34.09
N MET A 163 15.27 9.32 33.15
CA MET A 163 15.73 7.93 33.27
C MET A 163 17.06 7.82 34.01
N ILE A 164 17.68 8.94 34.36
CA ILE A 164 18.85 8.94 35.23
C ILE A 164 18.43 9.42 36.61
N GLU A 165 17.90 10.65 36.66
CA GLU A 165 17.32 11.17 37.89
C GLU A 165 15.98 10.49 38.16
N GLN A 166 15.41 10.70 39.34
CA GLN A 166 14.15 10.08 39.74
C GLN A 166 14.21 8.57 39.59
N GLY A 167 15.33 7.97 39.97
CA GLY A 167 15.49 6.53 39.81
C GLY A 167 15.63 6.14 38.35
N LYS A 168 15.17 4.92 38.04
CA LYS A 168 15.18 4.37 36.69
C LYS A 168 16.59 4.20 36.15
N THR A 169 16.71 3.63 34.95
CA THR A 169 18.01 3.40 34.34
C THR A 169 17.80 3.20 32.84
N ILE A 170 18.92 3.06 32.12
CA ILE A 170 18.91 2.86 30.69
C ILE A 170 19.76 1.64 30.36
N ARG A 171 19.53 1.06 29.19
CA ARG A 171 20.23 -0.13 28.74
C ARG A 171 20.71 0.07 27.32
N PRO A 172 21.78 -0.61 26.92
CA PRO A 172 22.29 -0.43 25.54
C PRO A 172 21.31 -0.97 24.51
N GLY A 173 21.39 -0.40 23.31
CA GLY A 173 20.52 -0.77 22.22
C GLY A 173 19.25 0.02 22.12
N MET A 174 18.96 0.89 23.09
CA MET A 174 17.75 1.68 23.06
C MET A 174 17.85 2.79 22.01
N ARG A 175 16.75 3.02 21.29
CA ARG A 175 16.71 4.02 20.25
C ARG A 175 16.43 5.39 20.85
N VAL A 176 17.27 6.36 20.52
CA VAL A 176 17.15 7.71 21.05
C VAL A 176 16.99 8.70 19.89
N VAL A 177 16.39 9.84 20.19
CA VAL A 177 16.03 10.84 19.20
C VAL A 177 16.69 12.17 19.59
N HIS A 178 17.41 12.75 18.65
CA HIS A 178 17.96 14.10 18.75
C HIS A 178 17.15 14.99 17.82
N SER A 179 16.39 15.93 18.39
CA SER A 179 15.55 16.85 17.64
C SER A 179 16.06 18.27 17.87
N ASN A 180 16.82 18.80 16.91
CA ASN A 180 17.31 20.18 16.98
C ASN A 180 16.44 21.12 16.15
N GLY A 181 15.15 20.82 16.03
CA GLY A 181 14.22 21.69 15.34
C GLY A 181 14.00 21.36 13.87
N ARG A 182 14.99 21.65 13.03
CA ARG A 182 14.80 21.50 11.59
C ARG A 182 14.63 20.03 11.20
N GLN A 183 15.55 19.18 11.65
CA GLN A 183 15.50 17.76 11.34
C GLN A 183 16.02 16.97 12.53
N HIS A 184 15.59 15.72 12.63
CA HIS A 184 15.91 14.90 13.78
C HIS A 184 16.67 13.65 13.35
N TYR A 185 17.52 13.18 14.27
CA TYR A 185 18.31 11.97 14.08
C TYR A 185 17.86 10.90 15.07
N THR A 186 17.94 9.65 14.64
CA THR A 186 17.61 8.50 15.47
C THR A 186 18.85 7.62 15.60
N TYR A 187 19.21 7.29 16.84
CA TYR A 187 20.40 6.50 17.12
C TYR A 187 20.02 5.19 17.78
N SER A 227 24.64 17.99 31.13
CA SER A 227 26.03 17.56 31.25
C SER A 227 26.23 16.71 32.50
N THR A 228 25.12 16.31 33.13
CA THR A 228 25.20 15.50 34.34
C THR A 228 25.83 14.13 34.04
N ARG A 229 25.41 13.49 32.95
CA ARG A 229 25.94 12.20 32.57
C ARG A 229 26.00 12.11 31.05
N VAL A 230 27.10 11.60 30.52
CA VAL A 230 27.30 11.45 29.09
C VAL A 230 27.15 9.97 28.74
N ILE A 231 26.23 9.67 27.83
CA ILE A 231 25.94 8.30 27.41
C ILE A 231 26.30 8.17 25.94
N HIS A 232 27.14 7.18 25.63
CA HIS A 232 27.49 6.87 24.25
C HIS A 232 26.30 6.26 23.52
N VAL A 233 26.14 6.64 22.26
CA VAL A 233 25.15 6.02 21.39
C VAL A 233 25.57 6.28 19.95
N ARG A 234 25.43 5.25 19.11
CA ARG A 234 25.88 5.31 17.72
C ARG A 234 24.99 4.45 16.85
N THR A 235 24.64 4.96 15.68
CA THR A 235 23.94 4.18 14.66
C THR A 235 24.74 4.03 13.37
N LYS A 236 25.55 5.03 13.03
CA LYS A 236 26.43 4.96 11.87
C LYS A 236 27.84 4.51 12.27
N GLU A 237 28.04 4.15 13.53
CA GLU A 237 29.31 3.70 14.11
C GLU A 237 30.36 4.79 14.15
N GLN A 238 29.97 6.06 13.98
CA GLN A 238 30.87 7.19 14.18
C GLN A 238 30.72 7.67 15.62
N ARG A 239 31.84 7.77 16.33
CA ARG A 239 31.78 8.06 17.76
C ARG A 239 31.15 9.43 18.01
N LEU A 240 30.23 9.47 18.97
CA LEU A 240 29.57 10.70 19.36
C LEU A 240 28.86 10.47 20.69
N SER A 241 28.95 11.46 21.58
CA SER A 241 28.33 11.39 22.90
C SER A 241 28.33 12.79 23.48
N TYR A 242 27.24 13.13 24.16
CA TYR A 242 27.04 14.49 24.65
C TYR A 242 26.01 14.46 25.77
N ALA A 243 25.53 15.63 26.17
CA ALA A 243 24.70 15.76 27.36
C ALA A 243 23.39 15.00 27.21
N ALA A 244 22.98 14.36 28.30
CA ALA A 244 21.73 13.61 28.35
C ALA A 244 20.59 14.46 28.90
N THR A 245 20.39 15.65 28.32
CA THR A 245 19.28 16.49 28.74
C THR A 245 18.39 16.90 27.57
N LEU A 246 18.72 16.47 26.35
CA LEU A 246 17.91 16.78 25.19
C LEU A 246 17.72 15.60 24.25
N LEU A 247 18.28 14.42 24.54
CA LEU A 247 18.03 13.19 23.80
C LEU A 247 16.79 12.53 24.40
N LYS A 248 15.78 12.30 23.58
CA LYS A 248 14.55 11.71 24.09
C LYS A 248 14.43 10.26 23.64
N PRO A 249 13.53 9.47 24.22
CA PRO A 249 13.33 8.10 23.71
C PRO A 249 12.31 8.04 22.57
N LEU A 250 12.56 7.15 21.61
CA LEU A 250 11.73 7.07 20.40
C LEU A 250 10.32 6.61 20.74
N CYS A 251 9.36 7.07 19.95
CA CYS A 251 7.93 6.92 20.22
C CYS A 251 7.21 6.17 19.10
N THR A 252 7.78 5.08 18.63
CA THR A 252 7.09 4.25 17.64
C THR A 252 6.10 3.32 18.33
N PHE A 253 5.26 2.67 17.51
CA PHE A 253 4.28 1.73 18.05
C PHE A 253 4.97 0.52 18.68
N GLU A 254 6.01 -0.01 18.04
CA GLU A 254 6.64 -1.23 18.53
C GLU A 254 7.30 -1.02 19.89
N THR A 255 7.97 0.12 20.08
CA THR A 255 8.59 0.44 21.37
C THR A 255 7.68 1.37 22.17
N MET A 256 6.50 0.85 22.51
CA MET A 256 5.53 1.60 23.30
C MET A 256 4.78 0.64 24.20
N GLN A 257 4.55 1.06 25.45
CA GLN A 257 3.89 0.19 26.41
C GLN A 257 2.42 0.00 26.05
N PRO A 258 1.86 -1.19 26.34
CA PRO A 258 0.41 -1.38 26.23
C PRO A 258 -0.38 -0.34 27.01
N GLN A 259 -1.68 -0.25 26.73
CA GLN A 259 -2.62 0.69 27.33
C GLN A 259 -2.35 2.09 26.80
N ASP A 260 -1.28 2.24 26.03
CA ASP A 260 -0.97 3.47 25.32
C ASP A 260 -1.29 3.33 23.83
N VAL A 261 -0.78 2.27 23.20
CA VAL A 261 -1.02 2.01 21.79
C VAL A 261 -2.51 1.81 21.55
N LEU A 262 -3.26 1.51 22.61
CA LEU A 262 -4.71 1.45 22.54
C LEU A 262 -5.37 2.81 22.68
N ASN A 263 -4.70 3.80 23.27
CA ASN A 263 -5.24 5.15 23.39
C ASN A 263 -4.54 6.16 22.50
N VAL A 264 -3.35 5.86 22.00
CA VAL A 264 -2.65 6.73 21.06
C VAL A 264 -3.19 6.44 19.67
N SER A 265 -3.95 5.35 19.54
CA SER A 265 -4.55 4.99 18.27
C SER A 265 -5.94 5.57 18.05
N LYS A 266 -6.64 5.98 19.10
CA LYS A 266 -7.94 6.63 18.94
C LYS A 266 -7.82 8.13 18.72
N CYS A 267 -6.60 8.67 18.75
CA CYS A 267 -6.36 10.10 18.60
C CYS A 267 -5.72 10.39 17.26
N ILE A 268 -5.68 9.40 16.37
CA ILE A 268 -5.13 9.57 15.04
C ILE A 268 -6.12 9.05 14.00
N LYS A 269 -7.21 8.47 14.47
CA LYS A 269 -8.27 7.96 13.60
C LYS A 269 -9.43 8.95 13.59
N LEU A 270 -9.31 10.00 12.77
CA LEU A 270 -10.35 10.99 12.60
C LEU A 270 -11.20 10.59 11.39
N SER A 271 -12.51 10.44 11.61
CA SER A 271 -13.31 9.69 10.66
C SER A 271 -13.40 10.31 9.27
N ALA A 272 -14.19 11.37 9.11
CA ALA A 272 -14.20 12.09 7.84
C ALA A 272 -14.34 13.59 8.03
N SER A 273 -14.96 14.00 9.13
CA SER A 273 -15.34 15.38 9.33
C SER A 273 -14.43 16.13 10.28
N LYS A 274 -13.51 15.44 10.94
CA LYS A 274 -12.51 16.09 11.78
C LYS A 274 -11.12 16.10 11.18
N ARG A 275 -10.84 15.25 10.20
CA ARG A 275 -9.62 15.35 9.40
C ARG A 275 -9.74 16.41 8.31
N MET A 276 -10.95 16.75 7.90
CA MET A 276 -11.18 17.73 6.83
C MET A 276 -11.47 19.13 7.37
N LYS A 277 -12.35 19.25 8.36
CA LYS A 277 -12.62 20.56 8.96
C LYS A 277 -11.43 21.14 9.66
N CYS A 278 -10.51 20.32 10.15
CA CYS A 278 -9.29 20.81 10.77
C CYS A 278 -8.21 21.17 9.77
N THR A 279 -8.18 20.52 8.60
CA THR A 279 -7.22 20.88 7.57
C THR A 279 -7.54 22.24 6.95
N TYR A 280 -8.81 22.53 6.73
CA TYR A 280 -9.22 23.80 6.14
C TYR A 280 -9.14 24.96 7.11
N ARG A 281 -9.43 24.71 8.40
CA ARG A 281 -9.42 25.75 9.40
C ARG A 281 -8.04 26.34 9.66
N TRP A 282 -6.97 25.64 9.25
CA TRP A 282 -5.63 26.18 9.34
C TRP A 282 -5.15 26.85 8.06
N ILE A 283 -5.52 26.31 6.90
CA ILE A 283 -5.15 26.96 5.65
C ILE A 283 -5.91 28.28 5.50
N GLN A 284 -7.15 28.33 5.97
CA GLN A 284 -7.90 29.59 5.92
C GLN A 284 -7.41 30.62 6.93
N GLN A 285 -6.64 30.20 7.94
CA GLN A 285 -5.98 31.13 8.83
C GLN A 285 -4.62 31.56 8.30
N LEU A 286 -3.93 30.68 7.58
CA LEU A 286 -2.69 31.06 6.92
C LEU A 286 -2.96 32.00 5.74
N ARG A 287 -4.11 31.86 5.09
CA ARG A 287 -4.43 32.70 3.95
C ARG A 287 -4.54 34.17 4.35
N ALA A 288 -5.16 34.44 5.50
CA ALA A 288 -5.44 35.81 5.92
C ALA A 288 -4.18 36.63 6.17
N GLN A 289 -3.02 35.99 6.28
CA GLN A 289 -1.77 36.70 6.56
C GLN A 289 -0.71 36.46 5.49
N TYR A 290 -1.14 36.01 4.30
CA TYR A 290 -0.24 35.81 3.17
C TYR A 290 -0.56 36.84 2.10
N ARG A 291 0.46 37.57 1.65
CA ARG A 291 0.24 38.72 0.78
C ARG A 291 0.69 38.50 -0.66
N HIS A 292 1.52 37.49 -0.92
CA HIS A 292 2.10 37.32 -2.25
C HIS A 292 1.15 36.67 -3.24
N LEU A 293 0.07 36.06 -2.78
CA LEU A 293 -0.91 35.42 -3.66
C LEU A 293 -2.31 35.65 -3.12
N THR A 294 -3.29 35.56 -4.01
CA THR A 294 -4.68 35.73 -3.66
C THR A 294 -5.49 34.56 -4.22
N PHE A 295 -6.56 34.22 -3.53
CA PHE A 295 -7.42 33.10 -3.89
C PHE A 295 -8.87 33.51 -3.75
N ALA A 296 -9.76 32.63 -4.19
CA ALA A 296 -11.19 32.85 -4.04
C ALA A 296 -11.58 32.73 -2.56
N PRO A 297 -12.73 33.29 -2.18
CA PRO A 297 -13.18 33.12 -0.79
C PRO A 297 -13.35 31.66 -0.39
N ASN A 298 -13.76 30.81 -1.33
CA ASN A 298 -13.87 29.36 -1.10
C ASN A 298 -13.11 28.66 -2.22
N PRO A 299 -11.80 28.48 -2.08
CA PRO A 299 -10.98 27.90 -3.15
C PRO A 299 -10.84 26.39 -3.10
N PHE A 300 -11.60 25.69 -2.24
CA PHE A 300 -11.39 24.28 -2.00
C PHE A 300 -12.28 23.37 -2.85
N THR A 301 -13.34 23.90 -3.45
CA THR A 301 -14.20 23.08 -4.28
C THR A 301 -13.50 22.69 -5.57
N ILE A 302 -13.97 21.59 -6.17
CA ILE A 302 -13.35 21.10 -7.40
C ILE A 302 -13.58 22.02 -8.58
N ALA A 303 -14.67 22.79 -8.56
CA ALA A 303 -14.92 23.75 -9.63
C ALA A 303 -13.82 24.81 -9.69
N GLN A 304 -13.40 25.31 -8.53
CA GLN A 304 -12.31 26.27 -8.48
C GLN A 304 -10.98 25.67 -8.93
N ASN A 305 -10.85 24.34 -8.87
CA ASN A 305 -9.63 23.65 -9.29
C ASN A 305 -9.75 23.05 -10.68
N GLY A 306 -10.87 23.25 -11.36
CA GLY A 306 -11.05 22.73 -12.71
C GLY A 306 -11.12 21.22 -12.81
N TYR A 307 -11.86 20.57 -11.93
CA TYR A 307 -12.03 19.12 -11.95
C TYR A 307 -13.43 18.76 -12.43
N LYS A 308 -13.54 17.56 -13.00
CA LYS A 308 -14.79 17.01 -13.48
C LYS A 308 -15.19 15.81 -12.63
N LEU A 309 -16.49 15.69 -12.36
CA LEU A 309 -17.03 14.70 -11.44
C LEU A 309 -17.62 13.54 -12.22
N ASP A 310 -17.17 12.32 -11.91
CA ASP A 310 -17.70 11.09 -12.50
C ASP A 310 -18.10 10.12 -11.40
N GLN A 311 -19.23 9.45 -11.60
CA GLN A 311 -19.75 8.48 -10.64
C GLN A 311 -19.82 7.11 -11.31
N LEU A 312 -18.89 6.23 -10.97
CA LEU A 312 -18.87 4.89 -11.52
C LEU A 312 -19.85 3.99 -10.77
N SER A 313 -20.23 2.90 -11.43
CA SER A 313 -21.21 1.97 -10.90
C SER A 313 -20.56 0.64 -10.52
N THR A 314 -21.27 -0.12 -9.70
CA THR A 314 -20.75 -1.39 -9.19
C THR A 314 -20.82 -2.44 -10.30
N PRO A 315 -19.73 -3.15 -10.56
CA PRO A 315 -19.75 -4.18 -11.61
C PRO A 315 -20.55 -5.41 -11.20
N LYS A 316 -20.53 -6.44 -12.06
CA LYS A 316 -21.14 -7.72 -11.76
C LYS A 316 -20.14 -8.82 -12.04
N VAL A 317 -20.27 -9.92 -11.30
CA VAL A 317 -19.39 -11.07 -11.44
C VAL A 317 -20.18 -12.25 -11.96
N HIS A 318 -19.51 -13.15 -12.66
CA HIS A 318 -20.15 -14.28 -13.32
C HIS A 318 -19.53 -15.58 -12.86
N PHE A 319 -20.38 -16.48 -12.34
CA PHE A 319 -19.98 -17.86 -12.07
C PHE A 319 -21.26 -18.72 -12.06
N HIS A 320 -21.48 -19.43 -13.17
CA HIS A 320 -22.63 -20.26 -13.54
C HIS A 320 -23.87 -19.40 -13.72
N ARG A 321 -23.78 -18.11 -13.40
CA ARG A 321 -24.83 -17.12 -13.63
C ARG A 321 -24.23 -15.75 -13.33
N ASP A 322 -25.07 -14.72 -13.33
CA ASP A 322 -24.64 -13.37 -13.04
C ASP A 322 -25.02 -12.99 -11.61
N TYR A 323 -24.03 -12.58 -10.82
CA TYR A 323 -24.23 -12.19 -9.43
C TYR A 323 -23.81 -10.74 -9.25
N ALA A 324 -24.65 -9.98 -8.54
CA ALA A 324 -24.36 -8.56 -8.34
C ALA A 324 -23.13 -8.34 -7.47
N THR A 325 -23.01 -9.12 -6.39
CA THR A 325 -21.96 -8.91 -5.39
C THR A 325 -20.99 -10.08 -5.40
N VAL A 326 -19.72 -9.78 -5.15
CA VAL A 326 -18.72 -10.85 -5.00
C VAL A 326 -19.09 -11.76 -3.85
N VAL A 327 -19.43 -11.18 -2.69
CA VAL A 327 -19.98 -11.98 -1.62
C VAL A 327 -21.50 -11.99 -1.73
N SER A 328 -22.00 -12.73 -2.73
CA SER A 328 -23.41 -13.07 -2.83
C SER A 328 -23.65 -14.49 -3.28
N GLY A 329 -22.71 -15.12 -3.98
CA GLY A 329 -22.87 -16.47 -4.47
C GLY A 329 -21.85 -17.42 -3.89
N MET A 330 -20.87 -16.88 -3.17
CA MET A 330 -20.00 -17.75 -2.38
C MET A 330 -20.82 -18.58 -1.41
N LYS A 331 -21.92 -18.02 -0.90
CA LYS A 331 -22.86 -18.79 -0.09
C LYS A 331 -23.70 -19.72 -0.95
N THR A 332 -24.20 -19.23 -2.09
CA THR A 332 -25.26 -19.89 -2.85
C THR A 332 -24.92 -19.93 -4.35
N GLY A 333 -23.70 -20.33 -4.69
CA GLY A 333 -23.31 -20.41 -6.08
C GLY A 333 -22.32 -21.53 -6.33
N LYS A 334 -22.03 -21.75 -7.61
CA LYS A 334 -21.09 -22.76 -8.06
C LYS A 334 -19.89 -22.05 -8.68
N LEU A 335 -18.68 -22.50 -8.32
CA LEU A 335 -17.48 -21.85 -8.80
C LEU A 335 -17.36 -21.93 -10.32
N TYR A 336 -16.77 -20.88 -10.90
CA TYR A 336 -16.76 -20.74 -12.35
C TYR A 336 -15.93 -21.84 -13.02
N LYS A 337 -14.83 -22.23 -12.41
CA LYS A 337 -13.95 -23.27 -12.95
C LYS A 337 -13.53 -24.20 -11.80
N GLY A 338 -14.29 -25.27 -11.61
CA GLY A 338 -14.01 -26.24 -10.57
C GLY A 338 -12.92 -27.21 -10.98
N GLY A 339 -12.81 -28.30 -10.22
CA GLY A 339 -11.80 -29.30 -10.52
C GLY A 339 -11.61 -30.28 -9.38
N ASN A 340 -10.42 -30.85 -9.32
CA ASN A 340 -10.06 -31.85 -8.32
C ASN A 340 -8.82 -31.39 -7.58
N ILE A 341 -8.87 -31.45 -6.24
CA ILE A 341 -7.76 -31.03 -5.40
C ILE A 341 -7.39 -32.20 -4.47
N LYS A 342 -6.09 -32.49 -4.39
CA LYS A 342 -5.55 -33.48 -3.47
C LYS A 342 -4.81 -32.73 -2.37
N ILE A 343 -5.42 -32.64 -1.20
CA ILE A 343 -4.87 -31.87 -0.10
C ILE A 343 -3.98 -32.77 0.76
N SER A 344 -3.09 -32.14 1.51
CA SER A 344 -2.24 -32.81 2.49
C SER A 344 -2.35 -32.07 3.82
N VAL A 345 -2.05 -32.78 4.90
CA VAL A 345 -2.13 -32.22 6.25
C VAL A 345 -0.77 -32.37 6.91
N LEU A 346 -0.20 -31.27 7.38
CA LEU A 346 1.05 -31.25 8.13
C LEU A 346 0.71 -30.84 9.56
N PHE A 347 0.74 -31.80 10.47
CA PHE A 347 0.35 -31.59 11.86
C PHE A 347 1.59 -31.52 12.74
N ASP A 348 1.61 -30.53 13.63
CA ASP A 348 2.70 -30.35 14.57
C ASP A 348 2.26 -30.83 15.96
N GLU A 349 3.16 -31.53 16.65
CA GLU A 349 2.84 -32.05 17.98
C GLU A 349 2.91 -30.98 19.06
N ASP A 350 3.68 -29.90 18.86
CA ASP A 350 3.60 -28.77 19.78
C ASP A 350 2.21 -28.16 19.82
N PHE A 351 1.40 -28.39 18.78
CA PHE A 351 0.02 -27.97 18.73
C PHE A 351 -0.86 -28.73 19.70
N TYR A 352 -0.35 -29.83 20.28
CA TYR A 352 -1.07 -30.64 21.24
C TYR A 352 -0.53 -30.50 22.66
N LEU A 353 0.81 -30.57 22.82
CA LEU A 353 1.39 -30.52 24.15
C LEU A 353 1.08 -29.19 24.85
N LYS A 354 1.20 -28.08 24.13
CA LYS A 354 0.96 -26.77 24.72
C LYS A 354 -0.50 -26.36 24.66
N HIS A 355 -1.24 -26.82 23.66
CA HIS A 355 -2.66 -26.50 23.51
C HIS A 355 -3.43 -27.80 23.39
N HIS A 356 -4.46 -27.96 24.22
CA HIS A 356 -5.15 -29.23 24.34
C HIS A 356 -6.02 -29.52 23.12
N ILE A 357 -5.38 -29.73 21.96
CA ILE A 357 -6.08 -30.03 20.71
C ILE A 357 -5.44 -31.28 20.11
N THR A 358 -6.25 -32.30 19.87
CA THR A 358 -5.80 -33.58 19.36
C THR A 358 -5.77 -33.55 17.84
N LYS A 359 -4.88 -34.38 17.25
CA LYS A 359 -4.80 -34.46 15.79
C LYS A 359 -6.14 -34.79 15.16
N LYS A 360 -6.97 -35.59 15.85
CA LYS A 360 -8.31 -35.89 15.34
C LYS A 360 -9.15 -34.62 15.17
N ASP A 361 -8.99 -33.64 16.07
CA ASP A 361 -9.67 -32.37 15.92
C ASP A 361 -9.23 -31.60 14.68
N ILE A 362 -8.08 -31.94 14.10
CA ILE A 362 -7.73 -31.39 12.80
C ILE A 362 -8.61 -31.98 11.71
N TYR A 363 -8.94 -33.27 11.79
CA TYR A 363 -9.68 -33.94 10.74
C TYR A 363 -11.20 -33.75 10.85
N GLN A 364 -11.69 -33.21 11.96
CA GLN A 364 -13.07 -32.75 12.01
C GLN A 364 -13.20 -31.30 11.59
N PHE A 365 -12.08 -30.63 11.34
CA PHE A 365 -12.03 -29.33 10.69
C PHE A 365 -11.96 -29.47 9.18
N ILE A 366 -11.05 -30.33 8.69
CA ILE A 366 -10.95 -30.60 7.26
C ILE A 366 -12.27 -31.11 6.73
N ALA A 367 -12.92 -32.00 7.47
CA ALA A 367 -14.22 -32.53 7.05
C ALA A 367 -15.27 -31.44 6.93
N VAL A 368 -15.13 -30.35 7.68
CA VAL A 368 -16.03 -29.21 7.48
C VAL A 368 -15.69 -28.46 6.20
N LEU A 369 -14.40 -28.33 5.87
CA LEU A 369 -14.01 -27.70 4.62
C LEU A 369 -14.50 -28.48 3.42
N GLN A 370 -14.24 -29.79 3.41
CA GLN A 370 -14.63 -30.62 2.27
C GLN A 370 -16.14 -30.63 2.07
N LYS A 371 -16.91 -30.70 3.15
CA LYS A 371 -18.36 -30.67 3.04
C LYS A 371 -18.84 -29.37 2.43
N ILE A 372 -18.07 -28.29 2.57
CA ILE A 372 -18.40 -27.04 1.90
C ILE A 372 -17.86 -27.05 0.47
N ALA A 373 -16.74 -27.74 0.25
CA ALA A 373 -16.13 -27.78 -1.07
C ALA A 373 -16.91 -28.66 -2.05
N ILE A 374 -17.62 -29.68 -1.57
CA ILE A 374 -18.41 -30.51 -2.48
C ILE A 374 -19.53 -29.69 -3.11
N ALA A 375 -20.13 -28.78 -2.34
CA ALA A 375 -20.90 -27.71 -2.94
C ALA A 375 -19.93 -26.71 -3.57
N GLN A 376 -20.40 -26.02 -4.60
CA GLN A 376 -19.65 -25.12 -5.48
C GLN A 376 -18.81 -25.91 -6.47
N GLY A 377 -18.74 -27.23 -6.38
CA GLY A 377 -18.10 -28.03 -7.40
C GLY A 377 -16.60 -28.22 -7.26
N VAL A 378 -16.12 -28.54 -6.06
CA VAL A 378 -14.71 -28.80 -5.81
C VAL A 378 -14.59 -30.13 -5.08
N ASN A 379 -13.66 -30.97 -5.53
CA ASN A 379 -13.41 -32.27 -4.92
C ASN A 379 -12.07 -32.24 -4.21
N MET A 380 -12.09 -32.53 -2.90
CA MET A 380 -10.89 -32.59 -2.09
C MET A 380 -10.69 -34.02 -1.60
N THR A 381 -9.50 -34.56 -1.84
CA THR A 381 -9.12 -35.89 -1.37
C THR A 381 -7.83 -35.78 -0.56
N ILE A 382 -7.83 -36.36 0.63
CA ILE A 382 -6.67 -36.29 1.50
C ILE A 382 -5.63 -37.29 1.04
N SER A 383 -4.38 -36.84 0.91
CA SER A 383 -3.31 -37.71 0.45
C SER A 383 -3.05 -38.83 1.45
N THR A 384 -2.73 -40.01 0.93
CA THR A 384 -2.56 -41.21 1.74
C THR A 384 -1.14 -41.42 2.22
N SER A 385 -0.20 -40.57 1.81
CA SER A 385 1.20 -40.72 2.21
C SER A 385 1.51 -40.08 3.56
N THR A 386 0.54 -39.44 4.20
CA THR A 386 0.74 -38.81 5.49
C THR A 386 0.55 -39.77 6.65
N LYS A 387 0.17 -41.02 6.38
CA LYS A 387 0.00 -42.01 7.44
C LYS A 387 1.31 -42.69 7.84
N SER A 388 2.37 -42.54 7.04
CA SER A 388 3.66 -43.13 7.34
C SER A 388 4.61 -42.16 8.05
N ILE A 389 4.13 -40.97 8.40
CA ILE A 389 4.97 -39.95 9.02
C ILE A 389 4.36 -39.52 10.34
N THR A 390 3.60 -40.41 10.98
CA THR A 390 2.97 -40.10 12.24
C THR A 390 4.01 -39.82 13.32
N GLY A 391 3.78 -38.77 14.11
CA GLY A 391 4.69 -38.42 15.20
C GLY A 391 6.08 -38.02 14.75
N LYS A 392 6.17 -37.14 13.75
CA LYS A 392 7.45 -36.72 13.21
C LYS A 392 7.73 -35.24 13.35
N PHE A 393 6.71 -34.38 13.22
CA PHE A 393 6.92 -32.93 13.22
C PHE A 393 6.96 -32.40 14.65
N THR A 394 7.97 -32.85 15.38
CA THR A 394 8.13 -32.48 16.78
C THR A 394 8.84 -31.12 16.89
N ASP A 395 9.09 -30.71 18.13
CA ASP A 395 9.74 -29.42 18.37
C ASP A 395 11.17 -29.44 17.84
N ASP A 396 11.88 -30.54 18.03
CA ASP A 396 13.24 -30.66 17.51
C ASP A 396 13.28 -30.61 15.99
N PHE A 397 12.18 -31.00 15.33
CA PHE A 397 12.11 -30.89 13.88
C PHE A 397 12.06 -29.43 13.46
N PHE A 398 11.42 -28.58 14.26
CA PHE A 398 11.40 -27.15 13.94
C PHE A 398 12.71 -26.48 14.31
N HIS A 399 13.36 -26.91 15.40
CA HIS A 399 14.70 -26.38 15.68
C HIS A 399 15.71 -26.85 14.65
N HIS A 400 15.56 -28.08 14.15
CA HIS A 400 16.44 -28.63 13.11
C HIS A 400 15.57 -28.89 11.88
N PHE A 401 15.40 -27.85 11.05
CA PHE A 401 14.50 -27.90 9.90
C PHE A 401 15.25 -28.13 8.59
N THR A 402 16.33 -27.39 8.36
CA THR A 402 17.06 -27.50 7.10
C THR A 402 17.66 -28.88 6.90
N GLU A 403 18.18 -29.48 7.97
CA GLU A 403 18.93 -30.73 7.83
C GLU A 403 18.03 -31.88 7.40
N GLU A 404 16.79 -31.93 7.90
CA GLU A 404 15.91 -33.07 7.68
C GLU A 404 14.61 -32.69 6.96
N VAL A 405 14.70 -31.90 5.89
CA VAL A 405 13.49 -31.49 5.18
C VAL A 405 13.37 -32.12 3.79
N GLU A 406 14.48 -32.58 3.20
CA GLU A 406 14.44 -33.11 1.85
C GLU A 406 13.55 -34.35 1.75
N ALA A 407 13.64 -35.24 2.74
CA ALA A 407 12.90 -36.50 2.69
C ALA A 407 11.38 -36.30 2.69
N LEU A 408 10.91 -35.11 3.07
CA LEU A 408 9.49 -34.80 3.03
C LEU A 408 8.95 -34.61 1.62
N GLN A 409 9.82 -34.38 0.63
CA GLN A 409 9.35 -34.03 -0.71
C GLN A 409 8.52 -35.13 -1.36
N PRO A 410 8.95 -36.40 -1.38
CA PRO A 410 8.15 -37.42 -2.11
C PRO A 410 6.73 -37.56 -1.59
N ILE A 411 6.51 -37.40 -0.29
CA ILE A 411 5.17 -37.63 0.27
C ILE A 411 4.24 -36.44 0.09
N PHE A 412 4.77 -35.28 -0.30
CA PHE A 412 3.97 -34.08 -0.45
C PHE A 412 3.84 -33.60 -1.89
N ALA A 413 4.49 -34.29 -2.83
CA ALA A 413 4.47 -33.85 -4.22
C ALA A 413 3.08 -34.01 -4.83
N GLN A 414 2.76 -33.14 -5.77
CA GLN A 414 1.49 -33.16 -6.51
C GLN A 414 0.29 -33.03 -5.58
N THR A 415 0.44 -32.25 -4.52
CA THR A 415 -0.62 -32.04 -3.55
C THR A 415 -0.61 -30.57 -3.12
N THR A 416 -1.57 -30.22 -2.28
CA THR A 416 -1.63 -28.92 -1.62
C THR A 416 -1.47 -29.16 -0.12
N VAL A 417 -0.48 -28.53 0.49
CA VAL A 417 -0.13 -28.79 1.87
C VAL A 417 -0.82 -27.79 2.78
N LEU A 418 -1.53 -28.30 3.79
CA LEU A 418 -2.15 -27.47 4.81
C LEU A 418 -1.30 -27.58 6.08
N ALA A 419 -0.65 -26.48 6.45
CA ALA A 419 0.21 -26.47 7.62
C ALA A 419 -0.56 -25.94 8.83
N PHE A 420 -0.44 -26.64 9.96
CA PHE A 420 -1.10 -26.27 11.21
C PHE A 420 -0.07 -25.89 12.27
N ILE A 421 1.00 -25.21 11.86
CA ILE A 421 2.09 -24.88 12.77
C ILE A 421 1.60 -23.92 13.85
N THR A 422 2.34 -23.88 14.96
CA THR A 422 2.01 -23.02 16.08
C THR A 422 2.26 -21.55 15.73
N SER A 423 1.56 -20.67 16.44
CA SER A 423 1.79 -19.23 16.25
C SER A 423 3.20 -18.84 16.68
N THR A 424 3.68 -19.42 17.79
CA THR A 424 5.00 -19.08 18.29
C THR A 424 6.09 -19.49 17.32
N HIS A 425 6.04 -20.73 16.81
CA HIS A 425 7.09 -21.21 15.93
C HIS A 425 7.16 -20.38 14.65
N LEU A 426 6.02 -19.89 14.18
CA LEU A 426 6.02 -19.01 13.02
C LEU A 426 6.57 -17.63 13.37
N SER A 427 6.20 -17.10 14.55
CA SER A 427 6.59 -15.75 14.91
C SER A 427 7.97 -15.67 15.55
N ASN A 428 8.46 -16.78 16.10
CA ASN A 428 9.75 -16.76 16.78
C ASN A 428 10.87 -16.47 15.80
N LYS A 429 11.89 -15.77 16.26
CA LYS A 429 13.02 -15.40 15.42
C LYS A 429 14.15 -16.42 15.44
N LYS A 430 13.98 -17.52 16.17
CA LYS A 430 14.96 -18.61 16.11
C LYS A 430 14.49 -19.73 15.20
N THR A 431 13.24 -20.20 15.39
CA THR A 431 12.70 -21.25 14.53
C THR A 431 12.52 -20.75 13.10
N ARG A 432 11.84 -19.61 12.94
CA ARG A 432 11.58 -19.01 11.63
C ARG A 432 10.93 -20.02 10.69
N SER A 433 9.87 -20.66 11.17
CA SER A 433 9.25 -21.75 10.41
C SER A 433 8.53 -21.24 9.16
N TYR A 434 7.92 -20.06 9.24
CA TYR A 434 7.18 -19.55 8.08
C TYR A 434 8.09 -19.28 6.91
N GLN A 435 9.19 -18.56 7.14
CA GLN A 435 10.11 -18.23 6.05
C GLN A 435 10.71 -19.49 5.44
N LEU A 436 11.13 -20.43 6.28
CA LEU A 436 11.72 -21.67 5.77
C LEU A 436 10.70 -22.50 4.99
N LEU A 437 9.46 -22.58 5.49
CA LEU A 437 8.43 -23.33 4.78
C LEU A 437 8.15 -22.72 3.42
N LYS A 438 8.04 -21.39 3.36
CA LYS A 438 7.80 -20.72 2.08
C LYS A 438 8.99 -20.90 1.14
N GLN A 439 10.21 -20.85 1.67
CA GLN A 439 11.39 -20.96 0.85
C GLN A 439 11.63 -22.38 0.35
N TYR A 440 11.13 -23.39 1.06
CA TYR A 440 11.37 -24.78 0.67
C TYR A 440 10.21 -25.37 -0.12
N PHE A 441 9.00 -25.31 0.45
CA PHE A 441 7.84 -25.94 -0.20
C PHE A 441 7.54 -25.29 -1.55
N GLY A 442 7.50 -23.97 -1.59
CA GLY A 442 7.17 -23.27 -2.81
C GLY A 442 8.38 -22.79 -3.59
N GLY A 443 9.37 -22.26 -2.89
CA GLY A 443 10.52 -21.67 -3.57
C GLY A 443 11.43 -22.71 -4.21
N LYS A 444 11.40 -23.94 -3.72
CA LYS A 444 12.34 -24.96 -4.17
C LYS A 444 11.68 -26.12 -4.90
N TRP A 445 10.62 -26.71 -4.34
CA TRP A 445 9.96 -27.85 -4.95
C TRP A 445 8.65 -27.50 -5.64
N ASP A 446 8.16 -26.27 -5.50
CA ASP A 446 6.95 -25.79 -6.18
C ASP A 446 5.72 -26.60 -5.78
N ILE A 447 5.39 -26.52 -4.48
CA ILE A 447 4.13 -27.02 -3.96
C ILE A 447 3.45 -25.89 -3.21
N ALA A 448 2.16 -25.69 -3.49
CA ALA A 448 1.38 -24.70 -2.79
C ALA A 448 1.20 -25.09 -1.32
N SER A 449 0.97 -24.09 -0.48
CA SER A 449 0.82 -24.33 0.94
C SER A 449 -0.05 -23.25 1.55
N GLN A 450 -0.87 -23.65 2.52
CA GLN A 450 -1.72 -22.72 3.25
C GLN A 450 -1.74 -23.10 4.72
N VAL A 451 -1.20 -22.23 5.56
C VAL A 451 -2.22 -21.17 8.29
N ILE A 452 -2.42 -22.12 9.20
CA ILE A 452 -3.45 -22.02 10.24
C ILE A 452 -2.78 -22.19 11.59
N THR A 453 -3.00 -21.24 12.48
CA THR A 453 -2.39 -21.24 13.81
C THR A 453 -3.42 -21.68 14.86
N GLU A 454 -3.02 -21.59 16.13
CA GLU A 454 -3.93 -21.96 17.20
C GLU A 454 -5.09 -20.99 17.38
N LYS A 455 -4.96 -19.74 16.94
CA LYS A 455 -6.06 -18.81 17.13
C LYS A 455 -7.29 -19.25 16.36
N THR A 456 -7.11 -19.69 15.11
CA THR A 456 -8.23 -20.12 14.29
C THR A 456 -8.91 -21.35 14.89
N ILE A 457 -8.12 -22.38 15.23
CA ILE A 457 -8.69 -23.62 15.76
C ILE A 457 -9.33 -23.38 17.12
N GLU A 458 -8.71 -22.55 17.95
CA GLU A 458 -9.27 -22.24 19.26
C GLU A 458 -10.58 -21.48 19.12
N ALA A 459 -10.67 -20.53 18.19
CA ALA A 459 -11.94 -19.85 17.97
C ALA A 459 -13.00 -20.81 17.46
N PHE A 460 -12.63 -21.71 16.55
CA PHE A 460 -13.58 -22.69 16.04
C PHE A 460 -14.11 -23.58 17.15
N GLN A 461 -13.22 -24.06 18.02
CA GLN A 461 -13.66 -24.94 19.09
C GLN A 461 -14.43 -24.19 20.17
N LYS A 462 -14.11 -22.91 20.40
CA LYS A 462 -14.92 -22.11 21.31
C LYS A 462 -16.33 -21.92 20.77
N ILE A 463 -16.45 -21.69 19.46
CA ILE A 463 -17.76 -21.61 18.83
C ILE A 463 -18.51 -22.92 18.99
N LEU A 464 -17.83 -24.05 18.74
CA LEU A 464 -18.46 -25.35 18.86
C LEU A 464 -18.93 -25.61 20.28
N HIS A 465 -18.09 -25.28 21.27
CA HIS A 465 -18.47 -25.48 22.67
C HIS A 465 -19.64 -24.58 23.06
N LYS A 466 -19.65 -23.34 22.59
CA LYS A 466 -20.75 -22.44 22.91
C LYS A 466 -22.06 -22.94 22.32
N HIS A 467 -22.03 -23.42 21.06
CA HIS A 467 -23.23 -23.99 20.48
C HIS A 467 -23.54 -25.39 21.03
N GLY A 468 -22.61 -25.99 21.75
CA GLY A 468 -22.86 -27.25 22.41
C GLY A 468 -22.60 -28.49 21.59
N LEU A 469 -21.99 -28.36 20.41
CA LEU A 469 -21.70 -29.50 19.54
C LEU A 469 -20.27 -29.96 19.82
N LYS A 470 -20.13 -31.12 20.44
CA LYS A 470 -18.83 -31.70 20.70
C LYS A 470 -18.70 -33.14 20.22
N ASN A 471 -19.73 -33.70 19.61
CA ASN A 471 -19.65 -35.07 19.10
C ASN A 471 -18.82 -35.12 17.83
N PHE A 472 -18.72 -36.32 17.25
CA PHE A 472 -17.93 -36.50 16.05
C PHE A 472 -18.52 -35.71 14.89
N TYR A 473 -17.67 -34.98 14.18
CA TYR A 473 -18.07 -34.19 13.02
C TYR A 473 -17.30 -34.58 11.76
N PRO A 474 -16.68 -35.75 11.76
CA PRO A 474 -15.92 -36.25 10.61
C PRO A 474 -16.58 -37.52 10.10
N ASN A 475 -16.79 -37.59 8.78
CA ASN A 475 -17.45 -38.73 8.14
C ASN A 475 -18.81 -39.01 8.76
N ASP A 476 -19.55 -37.96 9.10
CA ASP A 476 -20.86 -38.09 9.74
C ASP A 476 -21.78 -37.03 9.14
N GLU A 477 -22.65 -37.44 8.23
CA GLU A 477 -23.62 -36.52 7.65
C GLU A 477 -24.68 -36.14 8.67
N GLN A 478 -25.45 -35.10 8.33
CA GLN A 478 -26.55 -34.57 9.13
C GLN A 478 -26.02 -33.85 10.36
N HIS A 479 -24.71 -33.97 10.61
CA HIS A 479 -24.04 -33.25 11.68
C HIS A 479 -23.02 -32.25 11.16
N CYS A 480 -22.36 -32.54 10.05
CA CYS A 480 -21.55 -31.53 9.38
C CYS A 480 -22.41 -30.37 8.91
N LEU A 481 -23.66 -30.65 8.54
CA LEU A 481 -24.57 -29.57 8.16
C LEU A 481 -24.87 -28.65 9.34
N ARG A 482 -25.00 -29.23 10.53
CA ARG A 482 -25.20 -28.41 11.72
C ARG A 482 -23.98 -27.54 12.01
N VAL A 483 -22.79 -28.09 11.83
CA VAL A 483 -21.56 -27.31 12.00
C VAL A 483 -21.50 -26.18 10.99
N ILE A 484 -21.89 -26.46 9.74
CA ILE A 484 -21.91 -25.43 8.72
C ILE A 484 -22.91 -24.33 9.09
N ASP A 485 -24.09 -24.73 9.57
CA ASP A 485 -25.12 -23.75 9.93
C ASP A 485 -24.66 -22.86 11.08
N VAL A 486 -24.05 -23.45 12.11
CA VAL A 486 -23.57 -22.64 13.22
C VAL A 486 -22.39 -21.78 12.78
N LEU A 487 -21.62 -22.23 11.79
CA LEU A 487 -20.57 -21.38 11.23
C LEU A 487 -21.17 -20.17 10.53
N LYS A 488 -22.30 -20.35 9.84
CA LYS A 488 -22.98 -19.23 9.23
C LYS A 488 -23.59 -18.33 10.31
N ASN A 489 -24.08 -17.17 9.88
CA ASN A 489 -24.66 -16.13 10.74
C ASN A 489 -23.66 -15.55 11.71
N GLU A 490 -22.36 -15.80 11.52
CA GLU A 490 -21.32 -15.23 12.36
C GLU A 490 -20.04 -15.08 11.54
N SER A 491 -19.04 -14.47 12.16
CA SER A 491 -17.91 -13.89 11.43
C SER A 491 -16.78 -14.88 11.14
N PHE A 492 -16.86 -16.13 11.63
CA PHE A 492 -15.84 -17.12 11.29
C PHE A 492 -16.01 -17.67 9.89
N TYR A 493 -17.20 -17.47 9.28
CA TYR A 493 -17.43 -17.91 7.91
C TYR A 493 -16.44 -17.25 6.95
N TYR A 494 -16.10 -15.99 7.19
CA TYR A 494 -15.10 -15.31 6.37
C TYR A 494 -13.72 -15.93 6.53
N THR A 495 -13.34 -16.34 7.74
CA THR A 495 -12.08 -17.04 7.91
C THR A 495 -12.07 -18.36 7.14
N VAL A 496 -13.16 -19.13 7.24
CA VAL A 496 -13.24 -20.40 6.53
C VAL A 496 -13.14 -20.18 5.02
N MET A 497 -13.87 -19.19 4.51
CA MET A 497 -13.88 -18.96 3.06
C MET A 497 -12.57 -18.37 2.57
N ASN A 498 -11.88 -17.57 3.38
CA ASN A 498 -10.56 -17.10 3.00
C ASN A 498 -9.57 -18.25 2.92
N ILE A 499 -9.62 -19.19 3.87
CA ILE A 499 -8.77 -20.37 3.77
C ILE A 499 -9.10 -21.17 2.52
N LEU A 500 -10.40 -21.37 2.26
CA LEU A 500 -10.81 -22.14 1.09
C LEU A 500 -10.37 -21.47 -0.21
N LEU A 501 -10.53 -20.16 -0.31
CA LEU A 501 -10.11 -19.42 -1.49
C LEU A 501 -8.60 -19.42 -1.68
N GLY A 502 -7.83 -19.30 -0.60
CA GLY A 502 -6.39 -19.44 -0.71
C GLY A 502 -5.97 -20.82 -1.18
N VAL A 503 -6.72 -21.86 -0.79
CA VAL A 503 -6.44 -23.18 -1.32
C VAL A 503 -6.82 -23.28 -2.79
N TYR A 504 -7.98 -22.73 -3.16
CA TYR A 504 -8.48 -22.83 -4.53
C TYR A 504 -7.52 -22.15 -5.50
N VAL A 505 -7.18 -20.90 -5.24
CA VAL A 505 -6.38 -20.13 -6.18
C VAL A 505 -4.97 -20.71 -6.31
N LYS A 506 -4.46 -21.31 -5.23
CA LYS A 506 -3.18 -22.00 -5.31
C LYS A 506 -3.27 -23.35 -5.99
N SER A 507 -4.47 -23.94 -6.05
CA SER A 507 -4.68 -25.22 -6.71
C SER A 507 -5.03 -25.08 -8.19
N GLY A 508 -5.31 -23.87 -8.66
CA GLY A 508 -5.66 -23.67 -10.05
C GLY A 508 -7.14 -23.54 -10.33
N ILE A 509 -7.90 -22.94 -9.42
CA ILE A 509 -9.35 -22.79 -9.57
C ILE A 509 -9.69 -21.32 -9.72
N GLN A 510 -10.55 -21.01 -10.69
CA GLN A 510 -11.03 -19.65 -10.92
C GLN A 510 -12.39 -19.49 -10.25
N PRO A 511 -12.52 -18.69 -9.20
CA PRO A 511 -13.82 -18.60 -8.51
C PRO A 511 -14.86 -17.80 -9.28
N TRP A 512 -14.46 -16.73 -9.96
CA TRP A 512 -15.42 -15.94 -10.72
C TRP A 512 -14.66 -15.14 -11.78
N ILE A 513 -15.42 -14.55 -12.69
CA ILE A 513 -14.92 -13.60 -13.67
C ILE A 513 -15.84 -12.37 -13.65
N LEU A 514 -15.55 -11.42 -14.53
CA LEU A 514 -16.37 -10.22 -14.67
C LEU A 514 -17.49 -10.47 -15.67
N ALA A 515 -18.73 -10.23 -15.23
CA ALA A 515 -19.88 -10.52 -16.07
C ALA A 515 -19.84 -9.72 -17.36
N ASN A 516 -19.66 -8.41 -17.26
CA ASN A 516 -19.55 -7.58 -18.44
C ASN A 516 -18.12 -7.59 -18.97
N THR A 517 -17.94 -7.04 -20.16
CA THR A 517 -16.64 -6.99 -20.82
C THR A 517 -16.05 -5.60 -20.70
N THR A 518 -14.72 -5.54 -20.64
CA THR A 518 -14.02 -4.27 -20.54
C THR A 518 -13.76 -3.72 -21.94
N HIS A 519 -13.04 -2.60 -22.01
CA HIS A 519 -12.69 -1.97 -23.28
C HIS A 519 -11.31 -2.41 -23.77
N SER A 520 -10.67 -3.36 -23.08
CA SER A 520 -9.36 -3.86 -23.44
C SER A 520 -9.38 -5.38 -23.48
N ASP A 521 -8.32 -5.96 -24.01
CA ASP A 521 -8.20 -7.41 -24.16
C ASP A 521 -7.25 -8.03 -23.14
N CYS A 522 -6.03 -7.53 -23.07
CA CYS A 522 -4.98 -8.07 -22.21
C CYS A 522 -4.59 -7.03 -21.18
N PHE A 523 -4.35 -7.47 -19.94
CA PHE A 523 -3.85 -6.58 -18.90
C PHE A 523 -2.51 -7.08 -18.38
N ILE A 524 -1.56 -6.14 -18.27
CA ILE A 524 -0.22 -6.44 -17.76
C ILE A 524 0.02 -5.56 -16.54
N GLY A 525 0.47 -6.18 -15.46
CA GLY A 525 0.81 -5.47 -14.24
C GLY A 525 2.29 -5.58 -13.94
N ILE A 526 2.90 -4.44 -13.64
CA ILE A 526 4.34 -4.34 -13.40
C ILE A 526 4.57 -3.67 -12.06
N ASP A 527 5.51 -4.20 -11.28
CA ASP A 527 5.87 -3.65 -9.99
C ASP A 527 7.34 -3.97 -9.71
N VAL A 528 7.96 -3.14 -8.88
CA VAL A 528 9.35 -3.34 -8.47
C VAL A 528 9.43 -3.19 -6.96
N SER A 529 10.09 -4.14 -6.30
CA SER A 529 10.27 -4.11 -4.86
C SER A 529 11.76 -4.04 -4.55
N HIS A 530 12.13 -3.12 -3.65
CA HIS A 530 13.51 -2.92 -3.22
C HIS A 530 13.64 -3.29 -1.76
N GLU A 531 14.68 -4.05 -1.43
CA GLU A 531 14.95 -4.43 -0.04
C GLU A 531 16.40 -4.88 0.07
N ASN A 532 17.12 -4.31 1.03
CA ASN A 532 18.50 -4.70 1.34
C ASN A 532 19.40 -4.62 0.10
N GLY A 533 19.17 -3.62 -0.74
CA GLY A 533 19.97 -3.47 -1.94
C GLY A 533 19.68 -4.48 -3.02
N ASN A 534 18.49 -5.10 -3.01
CA ASN A 534 18.10 -6.06 -4.03
C ASN A 534 16.71 -5.70 -4.56
N SER A 535 16.51 -5.92 -5.85
CA SER A 535 15.27 -5.54 -6.51
C SER A 535 14.62 -6.75 -7.15
N ALA A 536 13.29 -6.77 -7.12
CA ALA A 536 12.51 -7.87 -7.68
C ALA A 536 11.35 -7.31 -8.49
N ALA A 537 11.14 -7.89 -9.67
CA ALA A 537 10.09 -7.44 -10.58
C ALA A 537 8.77 -8.17 -10.32
N GLY A 538 7.68 -7.54 -10.75
CA GLY A 538 6.35 -8.03 -10.44
C GLY A 538 5.43 -8.25 -11.62
N MET A 539 5.92 -8.88 -12.68
CA MET A 539 5.10 -9.14 -13.86
C MET A 539 3.84 -9.92 -13.49
N MET A 540 2.73 -9.60 -14.16
CA MET A 540 1.45 -10.24 -13.85
C MET A 540 0.54 -10.13 -15.06
N ASN A 541 -0.10 -11.25 -15.42
CA ASN A 541 -0.89 -11.34 -16.64
C ASN A 541 -2.35 -11.57 -16.32
N VAL A 542 -3.23 -10.79 -16.96
CA VAL A 542 -4.67 -10.99 -16.92
C VAL A 542 -5.11 -11.19 -18.37
N ILE A 543 -5.53 -12.39 -18.71
CA ILE A 543 -5.92 -12.75 -20.06
C ILE A 543 -7.44 -12.80 -20.14
N GLY A 544 -8.00 -12.08 -21.10
CA GLY A 544 -9.43 -12.01 -21.28
C GLY A 544 -9.99 -10.68 -20.82
N SER A 545 -10.93 -10.14 -21.61
CA SER A 545 -11.58 -8.89 -21.24
C SER A 545 -12.38 -9.05 -19.95
N GLN A 546 -12.99 -10.22 -19.76
CA GLN A 546 -13.77 -10.49 -18.56
C GLN A 546 -12.91 -10.95 -17.39
N GLY A 547 -11.60 -11.08 -17.58
CA GLY A 547 -10.74 -11.58 -16.52
C GLY A 547 -10.76 -13.09 -16.47
N HIS A 548 -10.77 -13.72 -17.63
CA HIS A 548 -10.95 -15.17 -17.70
C HIS A 548 -9.82 -15.92 -17.01
N LEU A 549 -8.58 -15.48 -17.21
CA LEU A 549 -7.41 -16.24 -16.75
C LEU A 549 -6.41 -15.29 -16.10
N ILE A 550 -6.30 -15.36 -14.77
CA ILE A 550 -5.42 -14.46 -14.01
C ILE A 550 -4.25 -15.31 -13.54
N GLN A 551 -3.06 -15.01 -14.07
CA GLN A 551 -1.88 -15.79 -13.71
C GLN A 551 -0.65 -14.88 -13.65
N GLN A 552 0.47 -15.46 -13.23
CA GLN A 552 1.72 -14.73 -13.08
C GLN A 552 2.66 -15.09 -14.21
N ALA A 553 3.24 -14.08 -14.84
CA ALA A 553 4.08 -14.30 -16.00
C ALA A 553 5.24 -15.21 -15.64
N PRO A 554 5.43 -16.33 -16.36
CA PRO A 554 6.54 -17.27 -16.04
C PRO A 554 7.89 -16.73 -16.48
N LEU A 555 8.37 -15.71 -15.75
CA LEU A 555 9.63 -15.05 -16.07
C LEU A 555 10.46 -14.92 -14.80
N ASN A 556 11.78 -14.83 -14.99
CA ASN A 556 12.70 -14.64 -13.88
C ASN A 556 12.68 -13.17 -13.48
N GLY A 557 12.04 -12.87 -12.35
CA GLY A 557 11.87 -11.51 -11.88
C GLY A 557 13.03 -10.90 -11.12
N ILE A 558 14.13 -11.63 -10.93
CA ILE A 558 15.32 -11.03 -10.33
C ILE A 558 15.91 -10.01 -11.28
N LEU A 559 16.17 -8.81 -10.77
CA LEU A 559 16.67 -7.70 -11.57
C LEU A 559 18.05 -7.31 -11.08
N ALA A 560 18.98 -7.12 -12.01
CA ALA A 560 20.30 -6.61 -11.65
C ALA A 560 20.22 -5.19 -11.12
N GLY A 561 19.38 -4.35 -11.75
CA GLY A 561 19.19 -2.99 -11.31
C GLY A 561 17.81 -2.75 -10.72
N GLU A 562 17.48 -1.47 -10.58
CA GLU A 562 16.20 -1.08 -10.01
C GLU A 562 15.09 -0.90 -11.05
N LYS A 563 15.37 -1.18 -12.31
CA LYS A 563 14.40 -1.03 -13.38
C LYS A 563 14.42 -2.25 -14.29
N ILE A 564 13.29 -2.48 -14.96
CA ILE A 564 13.17 -3.64 -15.84
C ILE A 564 13.98 -3.42 -17.11
N ASP A 565 14.72 -4.45 -17.50
CA ASP A 565 15.54 -4.38 -18.72
C ASP A 565 14.64 -4.44 -19.96
N ASP A 566 15.23 -4.02 -21.09
CA ASP A 566 14.50 -4.03 -22.34
C ASP A 566 14.11 -5.45 -22.76
N THR A 567 15.04 -6.39 -22.61
CA THR A 567 14.76 -7.77 -23.00
C THR A 567 13.63 -8.37 -22.17
N LEU A 568 13.60 -8.08 -20.87
CA LEU A 568 12.52 -8.59 -20.02
C LEU A 568 11.17 -8.04 -20.45
N LEU A 569 11.11 -6.74 -20.77
CA LEU A 569 9.84 -6.15 -21.22
C LEU A 569 9.40 -6.75 -22.55
N ALA A 570 10.34 -6.94 -23.48
CA ALA A 570 9.99 -7.53 -24.76
C ALA A 570 9.47 -8.96 -24.59
N ASN A 571 10.15 -9.76 -23.75
CA ASN A 571 9.70 -11.11 -23.50
C ASN A 571 8.34 -11.13 -22.82
N LEU A 572 8.11 -10.21 -21.89
CA LEU A 572 6.81 -10.12 -21.24
C LEU A 572 5.69 -9.84 -22.24
N LEU A 573 5.91 -8.86 -23.13
CA LEU A 573 4.88 -8.54 -24.12
C LEU A 573 4.64 -9.72 -25.06
N LYS A 574 5.71 -10.36 -25.54
CA LYS A 574 5.55 -11.46 -26.47
C LYS A 574 4.84 -12.64 -25.82
N GLN A 575 5.19 -12.97 -24.57
CA GLN A 575 4.52 -14.08 -23.90
C GLN A 575 3.07 -13.73 -23.60
N MET A 576 2.77 -12.46 -23.32
CA MET A 576 1.38 -12.07 -23.12
C MET A 576 0.56 -12.29 -24.38
N ILE A 577 1.12 -11.88 -25.53
CA ILE A 577 0.44 -12.09 -26.80
C ILE A 577 0.22 -13.58 -27.07
N LYS A 578 1.29 -14.38 -26.89
CA LYS A 578 1.19 -15.80 -27.20
C LYS A 578 0.28 -16.55 -26.23
N ALA A 579 0.15 -16.07 -25.00
CA ALA A 579 -0.76 -16.68 -24.04
C ALA A 579 -2.21 -16.30 -24.28
N TYR A 580 -2.48 -15.06 -24.71
CA TYR A 580 -3.84 -14.71 -25.11
C TYR A 580 -4.25 -15.47 -26.36
N HIS A 581 -3.32 -15.63 -27.31
CA HIS A 581 -3.63 -16.37 -28.53
C HIS A 581 -3.93 -17.84 -28.22
N THR A 582 -3.20 -18.42 -27.25
CA THR A 582 -3.40 -19.83 -26.92
C THR A 582 -4.82 -20.09 -26.42
N GLN A 583 -5.39 -19.15 -25.67
CA GLN A 583 -6.72 -19.35 -25.12
C GLN A 583 -7.84 -18.90 -26.04
N PHE A 584 -7.65 -17.81 -26.79
CA PHE A 584 -8.73 -17.26 -27.61
C PHE A 584 -8.55 -17.50 -29.10
N GLN A 585 -7.45 -18.12 -29.52
CA GLN A 585 -7.17 -18.49 -30.91
C GLN A 585 -7.00 -17.29 -31.83
N ARG A 586 -7.00 -16.06 -31.29
CA ARG A 586 -6.85 -14.86 -32.10
C ARG A 586 -5.98 -13.87 -31.34
N PHE A 587 -5.32 -13.00 -32.10
CA PHE A 587 -4.47 -11.98 -31.49
C PHE A 587 -5.34 -10.89 -30.84
N PRO A 588 -4.88 -10.31 -29.73
CA PRO A 588 -5.67 -9.28 -29.06
C PRO A 588 -5.73 -7.99 -29.87
N LYS A 589 -6.78 -7.21 -29.62
CA LYS A 589 -6.97 -5.94 -30.30
C LYS A 589 -6.34 -4.77 -29.56
N HIS A 590 -6.42 -4.76 -28.22
CA HIS A 590 -5.87 -3.68 -27.42
C HIS A 590 -5.26 -4.24 -26.15
N ILE A 591 -4.22 -3.55 -25.64
CA ILE A 591 -3.57 -3.93 -24.39
C ILE A 591 -3.37 -2.69 -23.54
N THR A 592 -3.69 -2.77 -22.25
CA THR A 592 -3.46 -1.69 -21.31
C THR A 592 -2.45 -2.14 -20.26
N ILE A 593 -1.30 -1.48 -20.23
CA ILE A 593 -0.24 -1.77 -19.27
C ILE A 593 -0.45 -0.88 -18.05
N HIS A 594 -0.43 -1.49 -16.86
CA HIS A 594 -0.53 -0.77 -15.60
C HIS A 594 0.82 -0.81 -14.90
N ARG A 595 1.28 0.34 -14.44
CA ARG A 595 2.55 0.46 -13.74
C ARG A 595 2.34 1.12 -12.38
N ASP A 596 2.87 0.50 -11.34
CA ASP A 596 2.80 1.04 -9.99
C ASP A 596 3.90 2.07 -9.81
N GLY A 597 3.52 3.32 -9.58
CA GLY A 597 4.48 4.39 -9.49
C GLY A 597 4.59 5.20 -10.76
N PHE A 598 5.82 5.50 -11.19
CA PHE A 598 6.08 6.24 -12.41
C PHE A 598 6.64 5.33 -13.48
N TRP A 599 6.27 5.61 -14.73
CA TRP A 599 6.74 4.82 -15.86
C TRP A 599 8.17 5.26 -16.20
N ARG A 600 9.14 4.42 -15.86
CA ARG A 600 10.55 4.72 -16.13
C ARG A 600 11.14 3.85 -17.24
N GLU A 601 10.36 2.95 -17.82
CA GLU A 601 10.88 2.06 -18.85
C GLU A 601 10.91 2.75 -20.21
N HIS A 602 11.37 2.00 -21.21
CA HIS A 602 11.51 2.54 -22.56
C HIS A 602 10.16 2.50 -23.26
N THR A 603 9.52 3.67 -23.39
CA THR A 603 8.27 3.76 -24.12
C THR A 603 8.44 3.57 -25.62
N ALA A 604 9.59 3.95 -26.17
CA ALA A 604 9.86 3.78 -27.59
C ALA A 604 10.03 2.33 -27.99
N LEU A 605 10.25 1.42 -27.05
CA LEU A 605 10.41 0.00 -27.34
C LEU A 605 9.13 -0.79 -27.19
N VAL A 606 8.18 -0.31 -26.38
CA VAL A 606 6.89 -0.98 -26.29
C VAL A 606 6.20 -1.01 -27.65
N GLU A 607 6.32 0.09 -28.42
CA GLU A 607 5.72 0.15 -29.74
C GLU A 607 6.58 -0.52 -30.81
N LYS A 608 7.89 -0.59 -30.63
CA LYS A 608 8.76 -1.17 -31.66
C LYS A 608 8.43 -2.63 -31.92
N ILE A 609 8.05 -3.38 -30.88
CA ILE A 609 7.71 -4.78 -31.03
C ILE A 609 6.22 -5.00 -31.15
N MET A 610 5.40 -4.22 -30.42
CA MET A 610 3.96 -4.46 -30.39
C MET A 610 3.21 -3.86 -31.58
N SER A 611 3.80 -2.88 -32.26
CA SER A 611 3.17 -2.40 -33.52
C SER A 611 3.34 -3.50 -34.56
N HIS A 612 4.49 -4.17 -34.50
CA HIS A 612 4.77 -5.22 -35.47
C HIS A 612 3.66 -6.28 -35.47
N TYR A 613 2.82 -6.30 -34.45
CA TYR A 613 1.65 -7.17 -34.39
C TYR A 613 0.35 -6.43 -34.68
N GLU A 614 0.42 -5.13 -34.96
CA GLU A 614 -0.76 -4.31 -35.30
C GLU A 614 -1.79 -4.33 -34.18
N ILE A 615 -1.32 -4.12 -32.95
CA ILE A 615 -2.17 -4.09 -31.76
C ILE A 615 -1.95 -2.76 -31.05
N THR A 616 -3.04 -2.12 -30.65
CA THR A 616 -2.96 -0.84 -29.95
C THR A 616 -2.69 -1.04 -28.46
N TYR A 617 -2.08 -0.03 -27.85
CA TYR A 617 -1.66 -0.14 -26.46
C TYR A 617 -1.83 1.19 -25.74
N ASP A 618 -2.01 1.08 -24.42
CA ASP A 618 -2.01 2.22 -23.52
C ASP A 618 -1.08 1.93 -22.35
N ILE A 619 -0.51 3.00 -21.79
CA ILE A 619 0.33 2.91 -20.60
C ILE A 619 -0.28 3.77 -19.52
N VAL A 620 -0.49 3.20 -18.34
CA VAL A 620 -1.15 3.89 -17.24
C VAL A 620 -0.25 3.80 -16.00
N GLU A 621 -0.19 4.89 -15.26
CA GLU A 621 0.51 4.94 -13.97
C GLU A 621 -0.53 5.03 -12.87
N ILE A 622 -0.40 4.15 -11.87
CA ILE A 622 -1.27 4.13 -10.70
C ILE A 622 -0.45 4.49 -9.48
N ILE A 623 -0.90 5.49 -8.74
CA ILE A 623 -0.20 6.04 -7.59
C ILE A 623 -1.04 5.81 -6.35
N LYS A 624 -0.48 5.08 -5.40
CA LYS A 624 -1.06 4.95 -4.06
C LYS A 624 -0.43 6.00 -3.15
N LYS A 625 -1.22 6.46 -2.18
CA LYS A 625 -0.85 7.56 -1.30
C LYS A 625 -0.50 8.80 -2.11
N PRO A 626 -1.49 9.43 -2.76
CA PRO A 626 -1.23 10.70 -3.46
C PRO A 626 -1.09 11.90 -2.54
N ASN A 627 -1.22 11.71 -1.23
CA ASN A 627 -1.12 12.78 -0.24
C ASN A 627 -2.21 13.83 -0.42
N ARG A 628 -3.38 13.42 -0.89
CA ARG A 628 -4.54 14.29 -1.02
C ARG A 628 -5.75 13.57 -0.47
N ARG A 629 -6.82 14.33 -0.25
CA ARG A 629 -8.10 13.76 0.18
C ARG A 629 -9.23 14.41 -0.62
N MET A 630 -10.32 13.67 -0.76
CA MET A 630 -11.51 14.15 -1.44
C MET A 630 -12.72 13.86 -0.57
N ALA A 631 -13.73 14.73 -0.67
CA ALA A 631 -14.91 14.55 0.16
C ALA A 631 -16.13 15.18 -0.52
N PHE A 632 -17.29 14.89 0.04
CA PHE A 632 -18.56 15.49 -0.38
C PHE A 632 -19.12 16.26 0.81
N PHE A 633 -18.88 17.57 0.85
CA PHE A 633 -19.39 18.38 1.94
C PHE A 633 -20.91 18.52 1.80
N ASN A 634 -21.62 18.28 2.91
CA ASN A 634 -23.07 18.38 2.95
C ASN A 634 -23.43 19.64 3.72
N SER A 635 -23.89 20.66 2.99
CA SER A 635 -24.17 21.96 3.62
C SER A 635 -25.32 21.86 4.62
N VAL A 636 -26.31 21.01 4.34
CA VAL A 636 -27.47 20.90 5.21
C VAL A 636 -27.07 20.39 6.58
N ASP A 637 -26.20 19.38 6.64
CA ASP A 637 -25.79 18.76 7.89
C ASP A 637 -24.40 19.20 8.34
N ASN A 638 -23.69 19.97 7.53
CA ASN A 638 -22.35 20.45 7.86
C ASN A 638 -21.42 19.29 8.22
N THR A 639 -21.46 18.23 7.41
CA THR A 639 -20.69 17.02 7.65
C THR A 639 -20.06 16.56 6.34
N PHE A 640 -18.82 16.09 6.43
CA PHE A 640 -18.12 15.54 5.28
C PHE A 640 -18.38 14.05 5.17
N SER A 641 -18.27 13.53 3.94
CA SER A 641 -18.45 12.11 3.69
C SER A 641 -17.72 11.75 2.41
N THR A 642 -17.54 10.45 2.19
CA THR A 642 -16.84 9.94 1.02
C THR A 642 -17.68 8.84 0.39
N ARG A 643 -17.78 8.88 -0.94
CA ARG A 643 -18.59 7.94 -1.71
C ARG A 643 -17.70 7.11 -2.61
N GLN A 644 -17.88 5.80 -2.59
CA GLN A 644 -17.05 4.90 -3.39
C GLN A 644 -17.37 5.05 -4.87
N GLY A 645 -16.35 4.80 -5.70
CA GLY A 645 -16.50 4.94 -7.13
C GLY A 645 -16.68 6.36 -7.62
N THR A 646 -15.95 7.30 -7.03
CA THR A 646 -15.99 8.70 -7.42
C THR A 646 -14.67 9.08 -8.09
N VAL A 647 -14.77 9.83 -9.19
CA VAL A 647 -13.62 10.19 -10.00
C VAL A 647 -13.60 11.71 -10.16
N TYR A 648 -12.44 12.31 -9.89
CA TYR A 648 -12.14 13.70 -10.22
C TYR A 648 -11.15 13.68 -11.39
N GLN A 649 -11.54 14.26 -12.52
CA GLN A 649 -10.76 14.18 -13.74
C GLN A 649 -10.32 15.58 -14.17
N ARG A 650 -9.04 15.73 -14.51
CA ARG A 650 -8.50 16.98 -15.06
C ARG A 650 -7.46 16.62 -16.11
N GLY A 651 -7.89 16.55 -17.36
CA GLY A 651 -7.00 16.18 -18.43
C GLY A 651 -6.68 14.69 -18.44
N ASN A 652 -5.40 14.35 -18.35
CA ASN A 652 -4.95 12.97 -18.32
C ASN A 652 -4.63 12.50 -16.91
N GLU A 653 -5.22 13.14 -15.89
CA GLU A 653 -4.99 12.79 -14.50
C GLU A 653 -6.33 12.69 -13.77
N ALA A 654 -6.40 11.76 -12.83
CA ALA A 654 -7.64 11.51 -12.12
C ALA A 654 -7.38 11.06 -10.69
N PHE A 655 -8.34 11.34 -9.83
CA PHE A 655 -8.39 10.83 -8.46
C PHE A 655 -9.61 9.93 -8.34
N LEU A 656 -9.40 8.73 -7.80
CA LEU A 656 -10.46 7.72 -7.71
C LEU A 656 -10.63 7.28 -6.26
N CYS A 657 -11.89 7.12 -5.86
CA CYS A 657 -12.23 6.54 -4.56
C CYS A 657 -12.73 5.12 -4.79
N ALA A 658 -12.08 4.16 -4.13
CA ALA A 658 -12.35 2.74 -4.38
C ALA A 658 -12.72 1.96 -3.12
N THR A 659 -12.70 2.58 -1.95
CA THR A 659 -12.95 1.86 -0.69
C THR A 659 -13.94 2.64 0.16
N ASN A 660 -14.58 1.93 1.09
CA ASN A 660 -15.52 2.52 2.04
C ASN A 660 -15.20 2.04 3.44
N PRO A 661 -14.14 2.55 4.05
CA PRO A 661 -13.82 2.17 5.43
C PRO A 661 -14.84 2.72 6.42
N GLN A 662 -14.86 2.12 7.60
CA GLN A 662 -15.78 2.53 8.64
C GLN A 662 -15.24 3.74 9.39
N GLN A 663 -16.05 4.25 10.33
CA GLN A 663 -15.68 5.45 11.07
C GLN A 663 -14.43 5.22 11.92
N LYS A 664 -14.35 4.08 12.60
CA LYS A 664 -13.24 3.82 13.50
C LYS A 664 -11.99 3.35 12.79
N VAL A 665 -12.06 3.07 11.49
CA VAL A 665 -10.87 2.65 10.75
C VAL A 665 -10.13 3.85 10.17
N GLY A 666 -10.84 4.91 9.80
CA GLY A 666 -10.20 6.09 9.24
C GLY A 666 -11.00 6.72 8.11
N MET A 667 -10.29 7.22 7.10
CA MET A 667 -10.91 7.86 5.95
C MET A 667 -10.27 7.29 4.69
N ALA A 668 -11.08 7.16 3.64
CA ALA A 668 -10.64 6.46 2.44
C ALA A 668 -9.43 7.14 1.81
N GLN A 669 -8.54 6.33 1.24
CA GLN A 669 -7.34 6.82 0.58
C GLN A 669 -7.61 6.88 -0.92
N PRO A 670 -7.59 8.05 -1.54
CA PRO A 670 -7.75 8.12 -3.00
C PRO A 670 -6.57 7.49 -3.73
N ILE A 671 -6.82 7.15 -4.98
CA ILE A 671 -5.78 6.65 -5.88
C ILE A 671 -5.61 7.66 -7.01
N LYS A 672 -4.39 7.78 -7.51
CA LYS A 672 -4.10 8.71 -8.61
C LYS A 672 -3.86 7.90 -9.88
N ILE A 673 -4.54 8.28 -10.96
CA ILE A 673 -4.41 7.61 -12.25
C ILE A 673 -3.86 8.62 -13.25
N HIS A 674 -2.83 8.22 -14.00
CA HIS A 674 -2.25 9.04 -15.05
C HIS A 674 -2.15 8.22 -16.33
N GLN A 675 -2.44 8.85 -17.46
CA GLN A 675 -2.38 8.17 -18.76
C GLN A 675 -1.24 8.79 -19.57
N VAL A 676 -0.18 8.02 -19.78
CA VAL A 676 0.95 8.49 -20.57
C VAL A 676 0.62 8.60 -22.05
N THR A 677 -0.25 7.73 -22.57
CA THR A 677 -0.62 7.73 -23.97
C THR A 677 -2.03 8.29 -24.14
N LYS A 678 -2.50 8.31 -25.40
CA LYS A 678 -3.80 8.89 -25.72
C LYS A 678 -4.55 8.08 -26.77
N THR A 679 -4.24 6.78 -26.89
CA THR A 679 -4.91 5.96 -27.89
C THR A 679 -6.39 5.77 -27.58
N LEU A 680 -6.74 5.63 -26.31
CA LEU A 680 -8.12 5.39 -25.90
C LEU A 680 -8.62 6.52 -25.01
N PRO A 681 -9.94 6.71 -24.92
CA PRO A 681 -10.46 7.73 -24.01
C PRO A 681 -10.05 7.46 -22.57
N PHE A 682 -9.81 8.53 -21.83
CA PHE A 682 -9.35 8.40 -20.45
C PHE A 682 -10.44 7.85 -19.53
N SER A 683 -11.71 8.13 -19.85
CA SER A 683 -12.80 7.59 -19.06
C SER A 683 -12.83 6.07 -19.11
N HIS A 684 -12.60 5.51 -20.30
CA HIS A 684 -12.51 4.05 -20.43
C HIS A 684 -11.27 3.48 -19.77
N ILE A 685 -10.22 4.28 -19.60
CA ILE A 685 -9.07 3.85 -18.83
C ILE A 685 -9.42 3.78 -17.35
N ILE A 686 -10.13 4.79 -16.84
CA ILE A 686 -10.51 4.81 -15.43
C ILE A 686 -11.48 3.67 -15.13
N GLU A 687 -12.42 3.42 -16.04
CA GLU A 687 -13.45 2.41 -15.79
C GLU A 687 -12.83 1.03 -15.64
N ASP A 688 -11.86 0.70 -16.49
CA ASP A 688 -11.16 -0.57 -16.40
C ASP A 688 -10.37 -0.71 -15.11
N VAL A 689 -9.69 0.34 -14.66
CA VAL A 689 -8.98 0.31 -13.39
C VAL A 689 -9.94 0.06 -12.23
N TYR A 690 -11.11 0.70 -12.24
CA TYR A 690 -12.06 0.50 -11.17
C TYR A 690 -12.66 -0.90 -11.20
N ASN A 691 -13.07 -1.37 -12.39
CA ASN A 691 -13.73 -2.67 -12.48
C ASN A 691 -12.77 -3.81 -12.18
N LEU A 692 -11.50 -3.66 -12.54
CA LEU A 692 -10.49 -4.69 -12.32
C LEU A 692 -10.17 -4.89 -10.85
N SER A 693 -10.57 -3.94 -9.98
CA SER A 693 -10.32 -4.04 -8.56
C SER A 693 -11.23 -5.05 -7.86
N PHE A 694 -12.33 -5.43 -8.50
CA PHE A 694 -13.27 -6.39 -7.93
C PHE A 694 -12.87 -7.84 -8.19
N LEU A 695 -11.77 -8.06 -8.91
CA LEU A 695 -11.26 -9.40 -9.17
C LEU A 695 -10.29 -9.85 -8.09
N HIS A 696 -10.72 -9.77 -6.83
CA HIS A 696 -9.91 -10.27 -5.72
C HIS A 696 -10.36 -11.69 -5.42
N ILE A 697 -9.88 -12.63 -6.24
CA ILE A 697 -10.26 -14.02 -6.09
C ILE A 697 -9.45 -14.74 -5.02
N HIS A 698 -8.34 -14.15 -4.58
CA HIS A 698 -7.56 -14.75 -3.51
C HIS A 698 -8.27 -14.66 -2.17
N ALA A 699 -9.01 -13.58 -1.93
CA ALA A 699 -9.65 -13.33 -0.65
C ALA A 699 -11.13 -13.07 -0.86
N MET A 700 -11.83 -12.83 0.25
CA MET A 700 -13.26 -12.58 0.24
C MET A 700 -13.58 -11.14 0.61
N ASN A 701 -12.59 -10.37 1.04
CA ASN A 701 -12.76 -8.98 1.43
C ASN A 701 -12.20 -8.09 0.34
N LYS A 702 -12.92 -7.02 0.00
CA LYS A 702 -12.56 -6.21 -1.15
C LYS A 702 -11.26 -5.45 -0.92
N MET A 703 -10.41 -5.43 -1.94
CA MET A 703 -9.17 -4.68 -1.94
C MET A 703 -9.33 -3.38 -2.71
N ARG A 704 -8.35 -2.48 -2.53
CA ARG A 704 -8.41 -1.14 -3.10
C ARG A 704 -7.82 -1.08 -4.50
N LEU A 705 -6.56 -1.51 -4.64
CA LEU A 705 -5.88 -1.44 -5.92
C LEU A 705 -6.47 -2.46 -6.89
N PRO A 706 -6.31 -2.24 -8.20
CA PRO A 706 -6.75 -3.24 -9.19
C PRO A 706 -5.94 -4.51 -9.05
N ALA A 707 -6.46 -5.58 -9.68
CA ALA A 707 -5.89 -6.90 -9.51
C ALA A 707 -4.44 -6.95 -9.99
N THR A 708 -4.16 -6.35 -11.15
CA THR A 708 -2.82 -6.45 -11.72
C THR A 708 -1.77 -5.93 -10.77
N ILE A 709 -1.96 -4.74 -10.21
CA ILE A 709 -0.92 -4.11 -9.39
C ILE A 709 -0.89 -4.69 -7.98
N HIS A 710 -2.05 -5.03 -7.42
CA HIS A 710 -2.06 -5.68 -6.11
C HIS A 710 -1.31 -7.01 -6.16
N TYR A 711 -1.65 -7.87 -7.13
CA TYR A 711 -0.95 -9.14 -7.25
C TYR A 711 0.48 -8.97 -7.71
N ALA A 712 0.79 -7.90 -8.46
CA ALA A 712 2.16 -7.61 -8.83
C ALA A 712 2.99 -7.27 -7.61
N ASP A 713 2.45 -6.46 -6.70
CA ASP A 713 3.15 -6.13 -5.46
C ASP A 713 3.37 -7.38 -4.62
N LEU A 714 2.33 -8.20 -4.48
CA LEU A 714 2.49 -9.44 -3.71
C LEU A 714 3.53 -10.36 -4.34
N SER A 715 3.51 -10.48 -5.67
CA SER A 715 4.45 -11.35 -6.36
C SER A 715 5.88 -10.84 -6.24
N ALA A 716 6.09 -9.54 -6.37
CA ALA A 716 7.43 -8.98 -6.21
C ALA A 716 7.95 -9.19 -4.79
N THR A 717 7.09 -8.94 -3.79
CA THR A 717 7.50 -9.15 -2.41
C THR A 717 7.88 -10.60 -2.15
N ALA A 718 7.03 -11.53 -2.60
CA ALA A 718 7.29 -12.95 -2.38
C ALA A 718 8.54 -13.42 -3.12
N TYR A 719 8.73 -12.96 -4.35
CA TYR A 719 9.80 -13.47 -5.19
C TYR A 719 11.12 -12.80 -4.87
N GLN A 720 11.10 -11.67 -4.15
CA GLN A 720 12.32 -11.13 -3.57
C GLN A 720 12.91 -12.09 -2.53
N ARG A 721 12.05 -12.75 -1.77
CA ARG A 721 12.46 -13.59 -0.65
C ARG A 721 12.73 -15.04 -1.07
N GLY A 722 12.66 -15.35 -2.36
CA GLY A 722 12.87 -16.72 -2.80
C GLY A 722 11.78 -17.67 -2.34
N GLN A 723 10.53 -17.23 -2.36
CA GLN A 723 9.40 -18.05 -1.93
C GLN A 723 8.57 -18.55 -3.10
N VAL A 724 8.85 -18.10 -4.32
CA VAL A 724 8.08 -18.47 -5.51
C VAL A 724 9.06 -18.79 -6.62
N MET A 725 8.71 -19.76 -7.46
CA MET A 725 9.51 -20.13 -8.62
C MET A 725 8.60 -20.23 -9.84
N PRO A 726 9.15 -20.05 -11.04
CA PRO A 726 8.31 -20.03 -12.25
C PRO A 726 7.65 -21.38 -12.50
N ARG A 727 6.46 -21.32 -13.08
CA ARG A 727 5.69 -22.52 -13.45
C ARG A 727 4.91 -22.21 -14.72
N SER A 728 5.36 -22.76 -15.85
CA SER A 728 4.65 -22.59 -17.10
C SER A 728 3.33 -23.35 -17.07
N GLY A 729 2.30 -22.76 -17.67
CA GLY A 729 1.00 -23.38 -17.68
C GLY A 729 -0.04 -22.45 -18.27
N ASN A 730 -1.30 -22.87 -18.16
CA ASN A 730 -2.43 -22.13 -18.71
C ASN A 730 -3.60 -22.11 -17.73
N GLN A 731 -3.31 -22.11 -16.43
CA GLN A 731 -4.33 -22.12 -15.39
C GLN A 731 -4.17 -20.90 -14.50
N THR A 732 -5.11 -20.74 -13.57
CA THR A 732 -5.05 -19.65 -12.59
C THR A 732 -4.07 -20.03 -11.49
N ASN A 733 -2.88 -19.41 -11.51
CA ASN A 733 -1.82 -19.72 -10.57
C ASN A 733 -1.41 -18.45 -9.84
N LEU A 734 -1.74 -18.38 -8.54
CA LEU A 734 -1.35 -17.28 -7.67
C LEU A 734 -0.80 -17.85 -6.37
N PRO A 735 0.40 -18.43 -6.41
CA PRO A 735 0.89 -19.14 -5.21
C PRO A 735 1.32 -18.22 -4.08
N PHE A 736 1.71 -16.98 -4.39
CA PHE A 736 2.30 -16.08 -3.40
C PHE A 736 1.30 -15.62 -2.35
N VAL A 737 0.01 -15.86 -2.55
CA VAL A 737 -1.00 -15.38 -1.61
C VAL A 737 -1.24 -16.40 -0.50
MN MN D . 6.50 0.53 -6.45
MN MN E . -2.11 -16.35 2.27
OP3 DC F . 7.45 7.38 -6.52
P DC F . 7.28 5.88 -7.06
OP1 DC F . 7.34 5.80 -8.57
OP2 DC F . 6.10 5.17 -6.45
O5' DC F . 8.61 5.15 -6.52
C5' DC F . 9.19 5.59 -5.28
C4' DC F . 10.08 4.51 -4.74
O4' DC F . 10.47 4.85 -3.39
C3' DC F . 9.40 3.16 -4.62
O3' DC F . 10.39 2.13 -4.69
C2' DC F . 8.75 3.26 -3.25
C1' DC F . 9.74 4.09 -2.46
N1 DC F . 9.13 5.05 -1.50
C2 DC F . 9.84 5.34 -0.34
O2 DC F . 10.92 4.77 -0.15
N3 DC F . 9.32 6.21 0.55
C4 DC F . 8.13 6.79 0.31
N4 DC F . 7.67 7.63 1.22
C5 DC F . 7.40 6.51 -0.88
C6 DC F . 7.94 5.64 -1.75
MN MN G . 5.18 -2.74 -4.06
#